data_1QJV
#
_entry.id   1QJV
#
_cell.length_a   50.694
_cell.length_b   85.507
_cell.length_c   96.690
_cell.angle_alpha   90.00
_cell.angle_beta   93.69
_cell.angle_gamma   90.00
#
_symmetry.space_group_name_H-M   'P 1 21 1'
#
loop_
_entity.id
_entity.type
_entity.pdbx_description
1 polymer 'PECTIN METHYLESTERASE'
2 non-polymer 'CHLORIDE ION'
3 water water
#
_entity_poly.entity_id   1
_entity_poly.type   'polypeptide(L)'
_entity_poly.pdbx_seq_one_letter_code
;ATTYNAVVSKSSSDGKTFKTIADAIASAPAGSTPFVILIKNGVYNERLTITRNNLHLKGESRNGAVIAAATAAGTLKSDG
SKWGTAGSSTITISAKDFSAQSLTIRNDFDFPANQAKSDSDSSKIKDTQAVALYVTKSGDRAYFKDVSLVGYQDTLYVSG
GRSFFSDCRISGTVDFIFGDGTALFNNCDLVSRYRADVKSGNVSGYLTAPSTNINQKYGLVITNSRVIRESDSVPAKSYG
LGRPWHPTTTFSDGRYADPNAIGQTVFLNTSMDNHIYGWDKMSGKDKNGNTIWFNPEDSRFFEYKSYGAGAAVSKDRRQL
TDAQAAEYTQSKVLGDWTPTLP
;
_entity_poly.pdbx_strand_id   A,B
#
# COMPACT_ATOMS: atom_id res chain seq x y z
N ALA A 1 -4.47 -26.39 -29.45
CA ALA A 1 -4.20 -26.46 -30.92
C ALA A 1 -3.91 -25.07 -31.49
N THR A 2 -2.76 -24.53 -31.10
CA THR A 2 -2.34 -23.21 -31.57
C THR A 2 -1.57 -23.32 -32.88
N THR A 3 -2.18 -22.77 -33.94
CA THR A 3 -1.62 -22.86 -35.29
C THR A 3 -1.08 -21.53 -35.81
N TYR A 4 0.14 -21.55 -36.32
CA TYR A 4 0.76 -20.35 -36.87
C TYR A 4 0.62 -20.34 -38.38
N ASN A 5 0.04 -19.27 -38.89
CA ASN A 5 -0.16 -19.12 -40.32
C ASN A 5 1.16 -18.76 -41.01
N ALA A 6 2.06 -18.17 -40.25
CA ALA A 6 3.37 -17.78 -40.75
C ALA A 6 4.39 -17.74 -39.63
N VAL A 7 5.65 -17.92 -40.00
CA VAL A 7 6.74 -17.90 -39.05
C VAL A 7 7.84 -17.00 -39.59
N VAL A 8 8.29 -16.10 -38.74
CA VAL A 8 9.36 -15.19 -39.07
C VAL A 8 10.58 -15.62 -38.26
N SER A 9 11.74 -15.64 -38.89
CA SER A 9 12.96 -15.96 -38.16
C SER A 9 14.16 -15.38 -38.87
N LYS A 10 15.26 -15.29 -38.13
CA LYS A 10 16.50 -14.77 -38.67
C LYS A 10 17.23 -15.82 -39.51
N SER A 11 16.81 -17.08 -39.39
CA SER A 11 17.41 -18.18 -40.14
C SER A 11 16.95 -18.25 -41.58
N SER A 12 17.91 -18.33 -42.49
CA SER A 12 17.63 -18.57 -43.90
C SER A 12 17.69 -20.09 -44.07
N SER A 13 17.64 -20.78 -42.92
CA SER A 13 17.74 -22.23 -42.84
C SER A 13 16.61 -22.80 -41.98
N ASP A 14 15.77 -21.92 -41.42
CA ASP A 14 14.66 -22.34 -40.57
C ASP A 14 13.54 -22.99 -41.40
N GLY A 15 13.71 -22.96 -42.72
CA GLY A 15 12.74 -23.56 -43.61
C GLY A 15 11.96 -22.55 -44.42
N LYS A 16 10.65 -22.80 -44.53
CA LYS A 16 9.74 -21.95 -45.29
C LYS A 16 9.27 -20.75 -44.46
N THR A 17 10.20 -20.16 -43.71
CA THR A 17 9.92 -19.02 -42.85
C THR A 17 10.15 -17.68 -43.56
N PHE A 18 9.60 -16.62 -42.99
CA PHE A 18 9.79 -15.28 -43.55
C PHE A 18 11.00 -14.62 -42.90
N LYS A 19 11.64 -13.72 -43.64
CA LYS A 19 12.82 -13.01 -43.16
C LYS A 19 12.41 -11.78 -42.34
N THR A 20 11.34 -11.11 -42.76
CA THR A 20 10.86 -9.94 -42.05
C THR A 20 9.41 -10.10 -41.65
N ILE A 21 9.00 -9.32 -40.66
CA ILE A 21 7.63 -9.38 -40.15
C ILE A 21 6.66 -8.82 -41.19
N ALA A 22 7.09 -7.77 -41.89
CA ALA A 22 6.25 -7.13 -42.88
C ALA A 22 5.83 -8.11 -43.99
N ASP A 23 6.79 -8.92 -44.44
CA ASP A 23 6.51 -9.93 -45.46
C ASP A 23 5.53 -10.99 -44.97
N ALA A 24 5.73 -11.45 -43.74
CA ALA A 24 4.84 -12.43 -43.14
C ALA A 24 3.42 -11.85 -43.08
N ILE A 25 3.30 -10.60 -42.64
CA ILE A 25 2.00 -9.93 -42.58
C ILE A 25 1.39 -9.82 -43.97
N ALA A 26 2.23 -9.49 -44.95
CA ALA A 26 1.75 -9.30 -46.33
C ALA A 26 1.30 -10.62 -46.96
N SER A 27 1.76 -11.74 -46.41
CA SER A 27 1.35 -13.05 -46.90
C SER A 27 -0.07 -13.43 -46.45
N ALA A 28 -0.63 -12.65 -45.54
CA ALA A 28 -1.97 -12.89 -45.01
C ALA A 28 -3.05 -12.69 -46.07
N PRO A 29 -4.01 -13.62 -46.14
CA PRO A 29 -5.08 -13.45 -47.14
C PRO A 29 -5.91 -12.26 -46.75
N ALA A 30 -6.39 -11.51 -47.75
CA ALA A 30 -7.21 -10.34 -47.48
C ALA A 30 -8.44 -10.74 -46.68
N GLY A 31 -8.96 -9.81 -45.90
CA GLY A 31 -10.14 -10.10 -45.13
C GLY A 31 -9.89 -9.96 -43.65
N SER A 32 -10.63 -10.74 -42.86
CA SER A 32 -10.58 -10.61 -41.42
C SER A 32 -10.58 -11.94 -40.68
N THR A 33 -10.20 -13.00 -41.39
CA THR A 33 -10.02 -14.27 -40.71
C THR A 33 -8.78 -14.08 -39.84
N PRO A 34 -8.70 -14.78 -38.70
CA PRO A 34 -7.52 -14.62 -37.85
C PRO A 34 -6.23 -15.06 -38.54
N PHE A 35 -5.16 -14.29 -38.33
CA PHE A 35 -3.86 -14.64 -38.90
C PHE A 35 -2.80 -14.52 -37.81
N VAL A 36 -2.13 -15.63 -37.53
CA VAL A 36 -1.17 -15.70 -36.45
C VAL A 36 0.26 -15.89 -36.95
N ILE A 37 1.16 -15.03 -36.48
CA ILE A 37 2.55 -15.06 -36.91
C ILE A 37 3.47 -15.29 -35.72
N LEU A 38 4.25 -16.37 -35.76
CA LEU A 38 5.26 -16.62 -34.75
C LEU A 38 6.52 -15.89 -35.21
N ILE A 39 7.08 -15.11 -34.30
CA ILE A 39 8.31 -14.39 -34.61
C ILE A 39 9.41 -15.00 -33.75
N LYS A 40 10.30 -15.75 -34.39
CA LYS A 40 11.43 -16.36 -33.69
C LYS A 40 12.34 -15.27 -33.12
N ASN A 41 13.07 -15.60 -32.06
CA ASN A 41 13.98 -14.66 -31.40
C ASN A 41 14.88 -13.93 -32.39
N GLY A 42 15.04 -12.63 -32.15
CA GLY A 42 15.89 -11.82 -33.00
C GLY A 42 15.47 -10.37 -32.89
N VAL A 43 16.32 -9.48 -33.38
CA VAL A 43 16.00 -8.06 -33.40
C VAL A 43 15.59 -7.71 -34.82
N TYR A 44 14.31 -7.42 -35.01
CA TYR A 44 13.79 -7.09 -36.33
C TYR A 44 13.68 -5.58 -36.47
N ASN A 45 14.57 -5.01 -37.26
CA ASN A 45 14.60 -3.56 -37.46
C ASN A 45 13.54 -3.17 -38.48
N GLU A 46 12.30 -3.02 -37.99
CA GLU A 46 11.17 -2.70 -38.87
C GLU A 46 10.21 -1.73 -38.21
N ARG A 47 9.54 -0.92 -39.03
CA ARG A 47 8.46 -0.05 -38.59
C ARG A 47 7.20 -0.57 -39.27
N LEU A 48 6.20 -0.91 -38.47
CA LEU A 48 4.99 -1.52 -38.99
C LEU A 48 3.74 -0.68 -38.75
N THR A 49 2.85 -0.67 -39.73
CA THR A 49 1.53 -0.04 -39.59
C THR A 49 0.54 -1.15 -39.88
N ILE A 50 -0.15 -1.59 -38.84
CA ILE A 50 -1.10 -2.68 -38.94
C ILE A 50 -2.44 -2.18 -39.42
N THR A 51 -2.87 -2.64 -40.59
CA THR A 51 -4.17 -2.27 -41.14
C THR A 51 -5.05 -3.50 -41.34
N ARG A 52 -4.50 -4.68 -41.06
CA ARG A 52 -5.30 -5.88 -41.19
C ARG A 52 -5.94 -6.26 -39.87
N ASN A 53 -7.27 -6.30 -39.88
CA ASN A 53 -8.03 -6.73 -38.72
C ASN A 53 -7.66 -8.15 -38.37
N ASN A 54 -7.81 -8.47 -37.09
CA ASN A 54 -7.64 -9.83 -36.59
C ASN A 54 -6.26 -10.42 -36.86
N LEU A 55 -5.25 -9.56 -36.77
CA LEU A 55 -3.86 -9.97 -36.95
C LEU A 55 -3.27 -10.22 -35.56
N HIS A 56 -2.43 -11.25 -35.46
CA HIS A 56 -1.88 -11.63 -34.17
C HIS A 56 -0.42 -12.03 -34.26
N LEU A 57 0.41 -11.37 -33.46
CA LEU A 57 1.84 -11.62 -33.45
C LEU A 57 2.22 -12.28 -32.15
N LYS A 58 3.04 -13.33 -32.25
CA LYS A 58 3.55 -13.99 -31.07
C LYS A 58 5.05 -14.18 -31.23
N GLY A 59 5.82 -13.60 -30.31
CA GLY A 59 7.26 -13.77 -30.36
C GLY A 59 7.65 -15.02 -29.61
N GLU A 60 8.83 -15.54 -29.91
CA GLU A 60 9.33 -16.71 -29.23
C GLU A 60 9.50 -16.42 -27.74
N SER A 61 9.91 -15.19 -27.41
CA SER A 61 10.03 -14.75 -26.03
C SER A 61 10.04 -13.24 -25.97
N ARG A 62 9.52 -12.70 -24.88
CA ARG A 62 9.51 -11.26 -24.69
C ARG A 62 10.92 -10.71 -24.69
N ASN A 63 11.86 -11.44 -24.08
CA ASN A 63 13.26 -11.00 -24.02
C ASN A 63 14.00 -11.05 -25.35
N GLY A 64 13.72 -12.08 -26.16
CA GLY A 64 14.48 -12.26 -27.39
C GLY A 64 13.83 -11.85 -28.70
N ALA A 65 12.50 -11.71 -28.70
CA ALA A 65 11.78 -11.33 -29.92
C ALA A 65 11.49 -9.83 -29.88
N VAL A 66 12.21 -9.09 -30.70
CA VAL A 66 12.16 -7.63 -30.64
C VAL A 66 11.89 -6.97 -31.99
N ILE A 67 11.01 -5.97 -31.97
CA ILE A 67 10.70 -5.17 -33.15
C ILE A 67 11.16 -3.78 -32.77
N ALA A 68 12.14 -3.26 -33.51
CA ALA A 68 12.76 -2.01 -33.11
C ALA A 68 13.11 -1.12 -34.27
N ALA A 69 12.98 0.17 -34.03
CA ALA A 69 13.34 1.19 -35.01
C ALA A 69 13.63 2.48 -34.21
N ALA A 70 14.55 3.28 -34.73
CA ALA A 70 14.88 4.54 -34.09
C ALA A 70 14.28 5.72 -34.84
N THR A 71 13.26 6.35 -34.25
CA THR A 71 12.63 7.51 -34.89
C THR A 71 12.06 8.48 -33.84
N ALA A 72 12.45 9.75 -33.95
CA ALA A 72 11.93 10.77 -33.06
C ALA A 72 10.97 11.66 -33.85
N ALA A 73 10.08 12.36 -33.15
CA ALA A 73 9.16 13.27 -33.82
C ALA A 73 9.97 14.26 -34.65
N GLY A 74 11.14 14.63 -34.13
CA GLY A 74 12.01 15.57 -34.81
C GLY A 74 12.89 14.99 -35.89
N THR A 75 12.88 13.66 -36.03
CA THR A 75 13.64 13.01 -37.08
C THR A 75 13.07 13.44 -38.43
N LEU A 76 13.94 13.79 -39.35
CA LEU A 76 13.51 14.29 -40.66
C LEU A 76 13.37 13.21 -41.71
N LYS A 77 12.32 13.30 -42.51
CA LYS A 77 12.10 12.39 -43.62
C LYS A 77 12.97 12.83 -44.80
N SER A 78 12.80 12.16 -45.95
CA SER A 78 13.54 12.48 -47.16
C SER A 78 13.25 13.90 -47.60
N ASP A 79 11.97 14.28 -47.58
CA ASP A 79 11.53 15.60 -48.00
C ASP A 79 11.92 16.72 -47.03
N GLY A 80 12.60 16.37 -45.95
CA GLY A 80 13.04 17.37 -44.99
C GLY A 80 12.04 17.71 -43.89
N SER A 81 10.85 17.15 -43.94
CA SER A 81 9.86 17.41 -42.88
C SER A 81 10.07 16.45 -41.70
N LYS A 82 9.42 16.76 -40.57
CA LYS A 82 9.49 15.93 -39.37
C LYS A 82 8.47 14.81 -39.41
N TRP A 83 8.83 13.66 -38.84
CA TRP A 83 7.90 12.53 -38.71
C TRP A 83 6.72 12.89 -37.81
N GLY A 84 7.00 13.66 -36.76
CA GLY A 84 5.95 14.01 -35.83
C GLY A 84 5.84 12.94 -34.76
N THR A 85 5.02 13.22 -33.75
CA THR A 85 4.85 12.29 -32.65
C THR A 85 4.24 10.96 -33.08
N ALA A 86 3.04 11.02 -33.65
CA ALA A 86 2.40 9.82 -34.18
C ALA A 86 3.30 9.15 -35.20
N GLY A 87 3.94 9.96 -36.05
CA GLY A 87 4.77 9.44 -37.12
C GLY A 87 6.08 8.78 -36.72
N SER A 88 6.51 9.00 -35.48
CA SER A 88 7.77 8.41 -34.99
C SER A 88 7.58 6.97 -34.51
N SER A 89 6.33 6.55 -34.43
CA SER A 89 5.98 5.25 -33.88
C SER A 89 6.61 4.05 -34.60
N THR A 90 7.21 3.14 -33.82
CA THR A 90 7.79 1.93 -34.41
C THR A 90 6.65 1.05 -34.92
N ILE A 91 5.63 0.86 -34.09
CA ILE A 91 4.46 0.12 -34.48
C ILE A 91 3.20 0.96 -34.32
N THR A 92 2.37 0.94 -35.35
CA THR A 92 1.12 1.67 -35.36
C THR A 92 -0.02 0.70 -35.60
N ILE A 93 -0.95 0.64 -34.66
CA ILE A 93 -2.11 -0.24 -34.79
C ILE A 93 -3.30 0.53 -35.33
N SER A 94 -3.66 0.24 -36.58
CA SER A 94 -4.79 0.90 -37.22
C SER A 94 -5.80 -0.12 -37.71
N ALA A 95 -5.94 -1.21 -36.95
CA ALA A 95 -6.88 -2.28 -37.28
C ALA A 95 -7.46 -2.83 -35.97
N LYS A 96 -8.58 -3.52 -36.08
CA LYS A 96 -9.24 -4.06 -34.91
C LYS A 96 -8.79 -5.46 -34.54
N ASP A 97 -8.99 -5.80 -33.28
CA ASP A 97 -8.69 -7.13 -32.75
C ASP A 97 -7.26 -7.59 -32.99
N PHE A 98 -6.32 -6.67 -32.82
CA PHE A 98 -4.91 -6.99 -32.90
C PHE A 98 -4.45 -7.55 -31.57
N SER A 99 -3.46 -8.43 -31.61
CA SER A 99 -2.84 -8.93 -30.40
C SER A 99 -1.36 -9.24 -30.62
N ALA A 100 -0.56 -8.88 -29.62
CA ALA A 100 0.86 -9.19 -29.62
C ALA A 100 1.16 -9.88 -28.30
N GLN A 101 1.96 -10.92 -28.35
CA GLN A 101 2.31 -11.66 -27.15
C GLN A 101 3.78 -12.03 -27.15
N SER A 102 4.40 -11.98 -25.98
CA SER A 102 5.78 -12.42 -25.80
C SER A 102 6.77 -11.80 -26.79
N LEU A 103 6.76 -10.48 -26.87
CA LEU A 103 7.70 -9.78 -27.72
C LEU A 103 7.92 -8.38 -27.19
N THR A 104 8.95 -7.72 -27.72
CA THR A 104 9.32 -6.39 -27.30
C THR A 104 9.22 -5.46 -28.50
N ILE A 105 8.67 -4.27 -28.23
CA ILE A 105 8.55 -3.22 -29.23
C ILE A 105 9.33 -2.04 -28.68
N ARG A 106 10.34 -1.60 -29.44
CA ARG A 106 11.18 -0.52 -28.99
C ARG A 106 11.22 0.62 -29.98
N ASN A 107 11.34 1.82 -29.43
CA ASN A 107 11.74 2.93 -30.27
C ASN A 107 13.17 3.16 -29.79
N ASP A 108 14.12 2.90 -30.67
CA ASP A 108 15.52 3.03 -30.30
C ASP A 108 16.10 4.43 -30.41
N PHE A 109 15.25 5.45 -30.48
CA PHE A 109 15.79 6.81 -30.47
C PHE A 109 16.63 6.97 -29.21
N ASP A 110 17.90 7.30 -29.40
CA ASP A 110 18.81 7.45 -28.27
C ASP A 110 18.60 8.83 -27.64
N PHE A 111 17.58 8.91 -26.79
CA PHE A 111 17.24 10.16 -26.13
C PHE A 111 18.42 10.71 -25.32
N PRO A 112 19.08 9.87 -24.49
CA PRO A 112 20.21 10.36 -23.69
C PRO A 112 21.37 10.89 -24.54
N ALA A 113 21.72 10.19 -25.62
CA ALA A 113 22.80 10.65 -26.49
C ALA A 113 22.42 11.95 -27.18
N ASN A 114 21.14 12.10 -27.49
CA ASN A 114 20.64 13.31 -28.11
C ASN A 114 20.72 14.48 -27.13
N GLN A 115 20.30 14.25 -25.89
CA GLN A 115 20.35 15.30 -24.86
C GLN A 115 21.79 15.72 -24.56
N ALA A 116 22.71 14.77 -24.68
CA ALA A 116 24.13 15.00 -24.40
C ALA A 116 24.83 15.78 -25.51
N LYS A 117 24.20 15.93 -26.66
CA LYS A 117 24.82 16.66 -27.75
C LYS A 117 24.90 18.14 -27.42
N SER A 118 25.87 18.82 -28.02
CA SER A 118 26.00 20.26 -27.82
C SER A 118 24.79 20.95 -28.45
N ASP A 119 24.38 22.08 -27.90
CA ASP A 119 23.25 22.80 -28.43
C ASP A 119 23.48 23.36 -29.82
N SER A 120 24.75 23.54 -30.21
CA SER A 120 25.06 24.04 -31.54
C SER A 120 25.19 22.89 -32.54
N ASP A 121 25.16 21.66 -32.04
CA ASP A 121 25.16 20.49 -32.91
C ASP A 121 23.81 20.48 -33.61
N SER A 122 23.83 20.74 -34.91
CA SER A 122 22.61 20.85 -35.69
C SER A 122 21.79 19.54 -35.73
N SER A 123 22.43 18.42 -35.37
CA SER A 123 21.71 17.14 -35.35
C SER A 123 21.02 16.86 -34.01
N LYS A 124 21.11 17.81 -33.08
CA LYS A 124 20.44 17.66 -31.80
C LYS A 124 18.97 18.01 -31.98
N ILE A 125 18.11 17.03 -31.71
CA ILE A 125 16.68 17.16 -31.91
C ILE A 125 15.95 17.74 -30.70
N LYS A 126 15.05 18.68 -30.97
CA LYS A 126 14.20 19.25 -29.93
C LYS A 126 12.94 18.40 -29.71
N ASP A 127 12.29 17.99 -30.79
CA ASP A 127 11.09 17.18 -30.69
C ASP A 127 11.49 15.75 -30.42
N THR A 128 11.74 15.47 -29.15
CA THR A 128 12.30 14.21 -28.70
C THR A 128 11.33 13.08 -28.39
N GLN A 129 10.05 13.27 -28.65
CA GLN A 129 9.11 12.16 -28.47
C GLN A 129 9.40 11.07 -29.52
N ALA A 130 9.47 9.84 -29.05
CA ALA A 130 9.78 8.72 -29.92
C ALA A 130 8.92 7.56 -29.45
N VAL A 131 7.78 7.39 -30.11
CA VAL A 131 6.79 6.41 -29.74
C VAL A 131 7.20 5.00 -30.15
N ALA A 132 7.06 4.05 -29.22
CA ALA A 132 7.35 2.66 -29.53
C ALA A 132 6.07 2.04 -30.09
N LEU A 133 4.96 2.26 -29.39
CA LEU A 133 3.69 1.72 -29.81
C LEU A 133 2.61 2.81 -29.82
N TYR A 134 1.89 2.86 -30.94
CA TYR A 134 0.77 3.79 -31.12
C TYR A 134 -0.50 3.03 -31.52
N VAL A 135 -1.51 3.03 -30.65
CA VAL A 135 -2.79 2.43 -30.99
C VAL A 135 -3.70 3.60 -31.40
N THR A 136 -4.03 3.66 -32.69
CA THR A 136 -4.81 4.77 -33.23
C THR A 136 -6.31 4.58 -32.97
N LYS A 137 -7.10 5.49 -33.52
CA LYS A 137 -8.54 5.43 -33.37
C LYS A 137 -9.17 4.31 -34.20
N SER A 138 -8.36 3.72 -35.08
CA SER A 138 -8.80 2.61 -35.92
C SER A 138 -8.40 1.27 -35.31
N GLY A 139 -7.80 1.31 -34.11
CA GLY A 139 -7.30 0.09 -33.51
C GLY A 139 -8.02 -0.48 -32.31
N ASP A 140 -9.34 -0.37 -32.28
CA ASP A 140 -10.11 -0.88 -31.16
C ASP A 140 -9.76 -2.33 -30.84
N ARG A 141 -9.79 -2.65 -29.55
CA ARG A 141 -9.53 -4.01 -29.06
C ARG A 141 -8.13 -4.51 -29.38
N ALA A 142 -7.13 -3.74 -28.96
CA ALA A 142 -5.74 -4.12 -29.12
C ALA A 142 -5.30 -4.77 -27.81
N TYR A 143 -4.73 -5.97 -27.93
CA TYR A 143 -4.36 -6.77 -26.77
C TYR A 143 -2.85 -7.06 -26.77
N PHE A 144 -2.20 -6.75 -25.65
CA PHE A 144 -0.76 -6.96 -25.52
C PHE A 144 -0.47 -7.75 -24.25
N LYS A 145 -0.06 -9.01 -24.42
CA LYS A 145 0.22 -9.87 -23.28
C LYS A 145 1.68 -10.26 -23.26
N ASP A 146 2.31 -10.10 -22.10
CA ASP A 146 3.73 -10.44 -21.95
C ASP A 146 4.54 -9.70 -23.01
N VAL A 147 4.19 -8.44 -23.21
CA VAL A 147 4.85 -7.57 -24.17
C VAL A 147 5.67 -6.50 -23.45
N SER A 148 6.81 -6.15 -24.02
CA SER A 148 7.64 -5.09 -23.47
C SER A 148 7.64 -3.91 -24.44
N LEU A 149 7.36 -2.73 -23.92
CA LEU A 149 7.39 -1.51 -24.72
C LEU A 149 8.53 -0.66 -24.19
N VAL A 150 9.46 -0.30 -25.07
CA VAL A 150 10.66 0.42 -24.68
C VAL A 150 10.75 1.79 -25.36
N GLY A 151 11.05 2.80 -24.55
CA GLY A 151 11.23 4.15 -25.06
C GLY A 151 11.61 5.07 -23.92
N TYR A 152 11.69 6.36 -24.22
CA TYR A 152 11.95 7.38 -23.21
C TYR A 152 10.73 8.28 -23.17
N GLN A 153 10.71 9.30 -24.03
CA GLN A 153 9.58 10.20 -24.09
C GLN A 153 8.49 9.64 -25.00
N ASP A 154 7.27 9.56 -24.47
CA ASP A 154 6.10 9.13 -25.25
C ASP A 154 6.15 7.71 -25.78
N THR A 155 6.60 6.78 -24.94
CA THR A 155 6.73 5.37 -25.32
C THR A 155 5.44 4.75 -25.88
N LEU A 156 4.33 4.96 -25.18
CA LEU A 156 3.08 4.37 -25.56
C LEU A 156 1.99 5.43 -25.79
N TYR A 157 1.50 5.47 -27.03
CA TYR A 157 0.45 6.40 -27.44
C TYR A 157 -0.80 5.56 -27.67
N VAL A 158 -1.76 5.67 -26.76
CA VAL A 158 -3.04 4.95 -26.91
C VAL A 158 -4.15 5.95 -27.17
N SER A 159 -4.83 5.76 -28.29
CA SER A 159 -5.86 6.69 -28.71
C SER A 159 -7.09 5.93 -29.19
N GLY A 160 -8.24 6.59 -29.15
CA GLY A 160 -9.45 5.98 -29.66
C GLY A 160 -10.14 4.97 -28.76
N GLY A 161 -10.07 3.70 -29.17
CA GLY A 161 -10.81 2.64 -28.49
C GLY A 161 -10.16 2.00 -27.30
N ARG A 162 -10.41 0.70 -27.13
CA ARG A 162 -9.87 -0.03 -25.98
C ARG A 162 -8.60 -0.79 -26.28
N SER A 163 -7.73 -0.84 -25.29
CA SER A 163 -6.51 -1.62 -25.39
C SER A 163 -6.25 -2.23 -24.02
N PHE A 164 -5.69 -3.43 -24.01
CA PHE A 164 -5.39 -4.15 -22.77
C PHE A 164 -3.94 -4.61 -22.79
N PHE A 165 -3.22 -4.28 -21.72
CA PHE A 165 -1.82 -4.65 -21.54
C PHE A 165 -1.77 -5.49 -20.29
N SER A 166 -1.36 -6.75 -20.47
CA SER A 166 -1.32 -7.71 -19.38
C SER A 166 0.08 -8.32 -19.26
N ASP A 167 0.59 -8.37 -18.03
CA ASP A 167 1.92 -8.91 -17.73
C ASP A 167 2.97 -8.26 -18.61
N CYS A 168 2.83 -6.95 -18.81
N CYS A 168 2.85 -6.95 -18.81
CA CYS A 168 3.73 -6.20 -19.69
CA CYS A 168 3.76 -6.23 -19.69
C CYS A 168 4.74 -5.36 -18.93
C CYS A 168 4.78 -5.41 -18.92
N ARG A 169 5.74 -4.88 -19.67
CA ARG A 169 6.74 -3.99 -19.11
C ARG A 169 6.72 -2.78 -20.03
N ILE A 170 6.50 -1.61 -19.44
CA ILE A 170 6.53 -0.37 -20.21
C ILE A 170 7.50 0.58 -19.53
N SER A 171 8.51 1.00 -20.27
CA SER A 171 9.50 1.89 -19.71
C SER A 171 9.48 3.24 -20.40
N GLY A 172 9.85 4.27 -19.66
CA GLY A 172 9.95 5.59 -20.25
C GLY A 172 10.32 6.67 -19.25
N THR A 173 10.26 7.91 -19.74
CA THR A 173 10.58 9.08 -18.95
C THR A 173 9.38 10.02 -18.92
N VAL A 174 9.26 10.85 -19.95
CA VAL A 174 8.18 11.82 -20.02
C VAL A 174 6.92 11.32 -20.77
N ASP A 175 5.80 11.33 -20.06
CA ASP A 175 4.50 10.95 -20.64
C ASP A 175 4.59 9.61 -21.38
N PHE A 176 5.23 8.62 -20.79
CA PHE A 176 5.46 7.39 -21.54
C PHE A 176 4.24 6.51 -21.79
N ILE A 177 3.12 6.90 -21.19
CA ILE A 177 1.80 6.35 -21.52
C ILE A 177 0.89 7.58 -21.65
N PHE A 178 0.47 7.89 -22.87
CA PHE A 178 -0.33 9.08 -23.09
C PHE A 178 -1.40 8.84 -24.14
N GLY A 179 -2.41 9.70 -24.16
CA GLY A 179 -3.46 9.56 -25.14
C GLY A 179 -4.84 9.57 -24.54
N ASP A 180 -5.83 9.43 -25.41
CA ASP A 180 -7.25 9.54 -25.06
C ASP A 180 -7.97 8.19 -25.02
N GLY A 181 -7.23 7.13 -25.33
CA GLY A 181 -7.86 5.82 -25.36
C GLY A 181 -8.22 5.26 -23.99
N THR A 182 -9.02 4.20 -24.03
CA THR A 182 -9.35 3.41 -22.86
C THR A 182 -8.30 2.31 -22.83
N ALA A 183 -7.29 2.49 -21.99
CA ALA A 183 -6.18 1.56 -21.89
C ALA A 183 -6.11 0.98 -20.48
N LEU A 184 -6.26 -0.33 -20.39
CA LEU A 184 -6.20 -1.07 -19.13
C LEU A 184 -4.87 -1.83 -19.05
N PHE A 185 -4.17 -1.63 -17.94
CA PHE A 185 -2.88 -2.26 -17.69
C PHE A 185 -2.99 -3.10 -16.44
N ASN A 186 -2.80 -4.41 -16.58
CA ASN A 186 -2.86 -5.27 -15.41
C ASN A 186 -1.59 -6.08 -15.28
N ASN A 187 -1.06 -6.09 -14.06
CA ASN A 187 0.16 -6.82 -13.75
C ASN A 187 1.34 -6.41 -14.63
N CYS A 188 1.51 -5.11 -14.79
CA CYS A 188 2.60 -4.56 -15.60
C CYS A 188 3.64 -3.89 -14.74
N ASP A 189 4.87 -3.89 -15.24
CA ASP A 189 5.95 -3.12 -14.66
C ASP A 189 6.02 -1.80 -15.44
N LEU A 190 5.75 -0.70 -14.77
CA LEU A 190 5.87 0.63 -15.37
C LEU A 190 7.22 1.16 -14.88
N VAL A 191 8.18 1.15 -15.78
CA VAL A 191 9.56 1.46 -15.44
C VAL A 191 9.98 2.91 -15.74
N SER A 192 10.18 3.68 -14.68
CA SER A 192 10.64 5.07 -14.81
C SER A 192 12.15 5.07 -14.99
N ARG A 193 12.61 5.72 -16.06
CA ARG A 193 14.01 5.66 -16.41
C ARG A 193 14.86 6.82 -15.91
N TYR A 194 16.15 6.56 -15.81
CA TYR A 194 17.13 7.54 -15.38
C TYR A 194 17.28 8.66 -16.39
N ARG A 195 17.33 9.89 -15.90
CA ARG A 195 17.61 11.02 -16.76
C ARG A 195 18.88 11.75 -16.41
N ALA A 196 19.91 11.48 -17.21
CA ALA A 196 21.24 12.04 -17.01
C ALA A 196 21.24 13.54 -17.22
N ASP A 197 20.27 14.02 -17.98
CA ASP A 197 20.18 15.43 -18.33
C ASP A 197 19.32 16.24 -17.37
N VAL A 198 18.81 15.61 -16.32
CA VAL A 198 17.98 16.33 -15.36
C VAL A 198 18.63 16.38 -13.98
N LYS A 199 18.76 17.60 -13.45
CA LYS A 199 19.33 17.80 -12.12
C LYS A 199 18.48 17.07 -11.08
N SER A 200 19.13 16.53 -10.05
CA SER A 200 18.48 15.68 -9.05
C SER A 200 17.22 16.21 -8.34
N GLY A 201 17.08 17.53 -8.26
CA GLY A 201 15.89 18.10 -7.63
C GLY A 201 14.77 18.45 -8.59
N ASN A 202 14.94 18.15 -9.87
CA ASN A 202 13.92 18.45 -10.87
C ASN A 202 13.16 17.21 -11.30
N VAL A 203 12.11 17.42 -12.08
CA VAL A 203 11.28 16.32 -12.54
C VAL A 203 11.91 15.57 -13.70
N SER A 204 12.03 14.25 -13.54
CA SER A 204 12.61 13.40 -14.58
C SER A 204 11.57 12.95 -15.59
N GLY A 205 10.31 12.87 -15.15
CA GLY A 205 9.26 12.47 -16.08
C GLY A 205 7.89 12.26 -15.46
N TYR A 206 7.00 11.66 -16.24
CA TYR A 206 5.63 11.43 -15.80
C TYR A 206 5.15 10.14 -16.43
N LEU A 207 4.63 9.23 -15.62
CA LEU A 207 4.15 7.94 -16.12
C LEU A 207 3.05 8.11 -17.17
N THR A 208 2.09 8.99 -16.88
CA THR A 208 0.97 9.17 -17.78
C THR A 208 0.64 10.62 -18.10
N ALA A 209 0.08 10.81 -19.30
CA ALA A 209 -0.41 12.11 -19.74
C ALA A 209 -1.69 11.81 -20.50
N PRO A 210 -2.77 11.50 -19.76
CA PRO A 210 -4.05 11.19 -20.39
C PRO A 210 -4.70 12.42 -20.96
N SER A 211 -5.33 12.24 -22.13
CA SER A 211 -6.07 13.30 -22.80
C SER A 211 -7.55 12.95 -22.94
N THR A 212 -7.98 11.95 -22.17
CA THR A 212 -9.36 11.45 -22.16
C THR A 212 -10.43 12.55 -22.19
N ASN A 213 -11.34 12.45 -23.14
CA ASN A 213 -12.44 13.42 -23.17
C ASN A 213 -13.30 13.25 -21.92
N ILE A 214 -13.76 14.36 -21.36
CA ILE A 214 -14.54 14.34 -20.12
C ILE A 214 -15.77 13.42 -20.20
N ASN A 215 -16.30 13.20 -21.40
CA ASN A 215 -17.47 12.35 -21.55
C ASN A 215 -17.13 10.88 -21.68
N GLN A 216 -15.85 10.57 -21.77
CA GLN A 216 -15.40 9.19 -21.85
C GLN A 216 -15.24 8.70 -20.43
N LYS A 217 -15.92 7.60 -20.11
CA LYS A 217 -15.96 7.04 -18.77
C LYS A 217 -14.60 6.51 -18.30
N TYR A 218 -13.82 5.89 -19.19
CA TYR A 218 -12.52 5.34 -18.81
C TYR A 218 -11.36 5.79 -19.68
N GLY A 219 -10.27 6.18 -19.01
CA GLY A 219 -9.06 6.56 -19.73
C GLY A 219 -7.96 5.57 -19.43
N LEU A 220 -6.95 6.02 -18.70
CA LEU A 220 -5.82 5.16 -18.35
C LEU A 220 -6.07 4.51 -17.01
N VAL A 221 -6.14 3.18 -17.00
CA VAL A 221 -6.44 2.44 -15.78
C VAL A 221 -5.39 1.38 -15.53
N ILE A 222 -4.63 1.56 -14.46
CA ILE A 222 -3.53 0.67 -14.12
C ILE A 222 -3.91 -0.11 -12.86
N THR A 223 -3.92 -1.45 -12.97
CA THR A 223 -4.34 -2.33 -11.87
C THR A 223 -3.29 -3.40 -11.55
N ASN A 224 -3.14 -3.71 -10.26
CA ASN A 224 -2.26 -4.80 -9.80
C ASN A 224 -0.87 -4.74 -10.41
N SER A 225 -0.36 -3.53 -10.57
CA SER A 225 0.92 -3.36 -11.23
C SER A 225 2.01 -2.86 -10.31
N ARG A 226 3.16 -2.55 -10.89
CA ARG A 226 4.30 -2.09 -10.13
C ARG A 226 4.93 -0.89 -10.82
N VAL A 227 4.94 0.22 -10.10
CA VAL A 227 5.55 1.45 -10.58
C VAL A 227 6.95 1.47 -9.98
N ILE A 228 7.93 1.17 -10.82
CA ILE A 228 9.30 1.04 -10.36
C ILE A 228 10.29 1.92 -11.12
N ARG A 229 11.46 2.12 -10.54
CA ARG A 229 12.51 2.84 -11.23
C ARG A 229 13.48 1.83 -11.82
N GLU A 230 14.06 2.17 -12.96
CA GLU A 230 14.95 1.24 -13.65
C GLU A 230 16.27 1.07 -12.91
N SER A 231 16.65 2.06 -12.11
CA SER A 231 17.90 1.99 -11.37
C SER A 231 17.83 2.81 -10.09
N ASP A 232 18.79 2.57 -9.19
CA ASP A 232 18.84 3.32 -7.94
C ASP A 232 19.19 4.79 -8.14
N SER A 233 19.64 5.15 -9.34
CA SER A 233 20.00 6.54 -9.63
C SER A 233 18.78 7.40 -9.99
N VAL A 234 17.63 6.77 -10.20
CA VAL A 234 16.40 7.53 -10.41
C VAL A 234 16.14 8.11 -9.02
N PRO A 235 16.22 9.44 -8.88
CA PRO A 235 16.01 10.09 -7.58
C PRO A 235 14.63 9.91 -6.94
N ALA A 236 14.59 10.06 -5.62
CA ALA A 236 13.34 10.03 -4.89
C ALA A 236 12.52 11.23 -5.35
N LYS A 237 11.22 11.03 -5.53
CA LYS A 237 10.30 12.10 -5.89
C LYS A 237 10.69 12.84 -7.17
N SER A 238 10.99 12.09 -8.21
CA SER A 238 11.39 12.65 -9.50
C SER A 238 10.36 12.38 -10.61
N TYR A 239 9.38 11.53 -10.31
CA TYR A 239 8.36 11.17 -11.30
C TYR A 239 6.93 11.46 -10.87
N GLY A 240 6.17 12.06 -11.80
CA GLY A 240 4.75 12.28 -11.55
C GLY A 240 3.98 11.05 -11.99
N LEU A 241 2.86 10.77 -11.32
CA LEU A 241 2.01 9.65 -11.72
C LEU A 241 1.30 10.03 -13.00
N GLY A 242 1.03 11.31 -13.14
CA GLY A 242 0.30 11.78 -14.29
C GLY A 242 0.27 13.29 -14.37
N ARG A 243 -0.08 13.76 -15.56
CA ARG A 243 -0.05 15.15 -15.93
C ARG A 243 -1.19 15.23 -16.95
N PRO A 244 -2.07 16.25 -16.85
CA PRO A 244 -3.20 16.41 -17.78
C PRO A 244 -2.83 16.96 -19.15
N TRP A 245 -2.88 16.11 -20.17
CA TRP A 245 -2.57 16.55 -21.52
C TRP A 245 -3.83 16.94 -22.25
N HIS A 246 -3.92 18.21 -22.61
CA HIS A 246 -5.03 18.75 -23.40
C HIS A 246 -4.48 19.03 -24.78
N PRO A 247 -4.65 18.09 -25.71
CA PRO A 247 -4.15 18.23 -27.07
C PRO A 247 -4.59 19.49 -27.78
N THR A 248 -3.66 20.10 -28.51
CA THR A 248 -3.95 21.23 -29.39
C THR A 248 -4.98 20.68 -30.37
N THR A 249 -6.12 21.36 -30.43
CA THR A 249 -7.25 20.87 -31.20
C THR A 249 -7.88 22.01 -31.96
N THR A 250 -8.42 21.70 -33.14
CA THR A 250 -9.08 22.69 -33.97
C THR A 250 -10.54 22.82 -33.61
N PHE A 251 -10.94 24.05 -33.28
CA PHE A 251 -12.30 24.35 -32.89
C PHE A 251 -12.78 25.45 -33.81
N SER A 252 -14.09 25.70 -33.81
CA SER A 252 -14.62 26.74 -34.69
C SER A 252 -14.12 28.14 -34.30
N ASP A 253 -13.56 28.27 -33.10
CA ASP A 253 -13.02 29.55 -32.64
C ASP A 253 -11.48 29.54 -32.49
N GLY A 254 -10.83 28.62 -33.19
CA GLY A 254 -9.37 28.57 -33.16
C GLY A 254 -8.79 27.19 -32.84
N ARG A 255 -7.47 27.10 -32.89
CA ARG A 255 -6.74 25.87 -32.62
C ARG A 255 -5.94 26.07 -31.33
N TYR A 256 -6.23 25.26 -30.33
CA TYR A 256 -5.59 25.41 -29.03
C TYR A 256 -5.85 24.19 -28.14
N ALA A 257 -5.33 24.23 -26.92
CA ALA A 257 -5.48 23.11 -26.00
C ALA A 257 -6.95 22.82 -25.70
N ASP A 258 -7.36 21.59 -25.99
CA ASP A 258 -8.74 21.14 -25.79
C ASP A 258 -9.10 21.18 -24.30
N PRO A 259 -10.01 22.09 -23.91
CA PRO A 259 -10.47 22.27 -22.52
C PRO A 259 -11.22 21.07 -21.98
N ASN A 260 -11.77 20.25 -22.87
CA ASN A 260 -12.56 19.08 -22.47
C ASN A 260 -11.77 17.79 -22.38
N ALA A 261 -10.51 17.83 -22.79
CA ALA A 261 -9.63 16.67 -22.68
C ALA A 261 -9.14 16.61 -21.23
N ILE A 262 -10.07 16.29 -20.34
CA ILE A 262 -9.80 16.23 -18.91
C ILE A 262 -9.44 14.79 -18.59
N GLY A 263 -8.18 14.45 -18.85
CA GLY A 263 -7.71 13.09 -18.73
C GLY A 263 -7.95 12.30 -17.46
N GLN A 264 -8.04 10.99 -17.61
CA GLN A 264 -8.18 10.10 -16.46
C GLN A 264 -7.04 9.11 -16.34
N THR A 265 -6.44 9.07 -15.15
CA THR A 265 -5.49 8.02 -14.83
C THR A 265 -5.86 7.50 -13.44
N VAL A 266 -6.13 6.20 -13.37
CA VAL A 266 -6.49 5.58 -12.10
C VAL A 266 -5.57 4.40 -11.82
N PHE A 267 -4.99 4.38 -10.62
CA PHE A 267 -4.17 3.25 -10.19
C PHE A 267 -4.94 2.50 -9.11
N LEU A 268 -4.94 1.18 -9.18
CA LEU A 268 -5.57 0.36 -8.15
C LEU A 268 -4.63 -0.78 -7.79
N ASN A 269 -4.49 -1.05 -6.50
CA ASN A 269 -3.64 -2.15 -6.00
C ASN A 269 -2.30 -2.19 -6.69
N THR A 270 -1.65 -1.04 -6.78
CA THR A 270 -0.38 -0.94 -7.49
C THR A 270 0.68 -0.43 -6.54
N SER A 271 1.86 -1.06 -6.58
CA SER A 271 2.97 -0.59 -5.75
C SER A 271 3.66 0.56 -6.45
N MET A 272 4.19 1.47 -5.63
CA MET A 272 4.90 2.62 -6.14
C MET A 272 6.14 2.82 -5.31
N ASP A 273 7.28 2.87 -5.99
CA ASP A 273 8.54 3.12 -5.31
C ASP A 273 8.68 4.62 -5.01
N ASN A 274 9.74 4.95 -4.30
CA ASN A 274 9.99 6.29 -3.81
C ASN A 274 10.23 7.38 -4.86
N HIS A 275 10.37 7.00 -6.13
CA HIS A 275 10.62 8.00 -7.16
C HIS A 275 9.37 8.83 -7.47
N ILE A 276 8.19 8.27 -7.14
CA ILE A 276 6.93 8.95 -7.35
C ILE A 276 6.71 10.08 -6.33
N TYR A 277 6.36 11.27 -6.81
CA TYR A 277 6.06 12.37 -5.91
C TYR A 277 4.57 12.73 -5.87
N GLY A 278 3.80 12.20 -6.80
CA GLY A 278 2.38 12.49 -6.86
C GLY A 278 1.97 12.88 -8.27
N TRP A 279 0.89 13.64 -8.38
CA TRP A 279 0.43 14.08 -9.69
C TRP A 279 1.08 15.41 -10.05
N ASP A 280 0.93 15.84 -11.30
CA ASP A 280 1.49 17.13 -11.68
C ASP A 280 0.54 17.84 -12.65
N LYS A 281 0.84 19.11 -12.89
CA LYS A 281 0.05 19.92 -13.81
C LYS A 281 0.75 19.92 -15.17
N MET A 282 0.13 20.57 -16.15
CA MET A 282 0.69 20.66 -17.49
C MET A 282 0.19 21.93 -18.14
N SER A 283 1.02 22.55 -18.94
CA SER A 283 0.61 23.78 -19.59
C SER A 283 0.34 23.59 -21.07
N GLY A 284 -0.52 24.43 -21.60
CA GLY A 284 -0.78 24.46 -23.03
C GLY A 284 -1.11 25.90 -23.39
N LYS A 285 -1.66 26.12 -24.59
CA LYS A 285 -2.06 27.46 -25.00
C LYS A 285 -3.57 27.48 -25.09
N ASP A 286 -4.18 28.52 -24.54
CA ASP A 286 -5.64 28.64 -24.60
C ASP A 286 -6.11 29.34 -25.89
N LYS A 287 -7.41 29.57 -25.98
CA LYS A 287 -8.01 30.19 -27.16
C LYS A 287 -7.48 31.60 -27.46
N ASN A 288 -6.77 32.19 -26.51
CA ASN A 288 -6.25 33.54 -26.70
C ASN A 288 -4.76 33.54 -26.98
N GLY A 289 -4.16 32.36 -26.95
CA GLY A 289 -2.72 32.27 -27.16
C GLY A 289 -1.95 32.45 -25.86
N ASN A 290 -2.66 32.49 -24.74
CA ASN A 290 -2.00 32.59 -23.44
C ASN A 290 -1.64 31.22 -22.90
N THR A 291 -0.66 31.22 -22.00
CA THR A 291 -0.25 30.02 -21.30
C THR A 291 -1.38 29.67 -20.36
N ILE A 292 -1.73 28.39 -20.33
CA ILE A 292 -2.74 27.92 -19.41
C ILE A 292 -2.25 26.65 -18.76
N TRP A 293 -2.50 26.53 -17.46
CA TRP A 293 -2.12 25.35 -16.72
C TRP A 293 -3.32 24.49 -16.42
N PHE A 294 -3.20 23.21 -16.73
CA PHE A 294 -4.25 22.27 -16.40
C PHE A 294 -3.75 21.52 -15.17
N ASN A 295 -4.55 21.57 -14.13
CA ASN A 295 -4.14 21.08 -12.82
C ASN A 295 -4.62 19.68 -12.52
N PRO A 296 -3.81 18.92 -11.75
CA PRO A 296 -4.18 17.55 -11.39
C PRO A 296 -5.49 17.48 -10.60
N GLU A 297 -5.70 18.44 -9.69
CA GLU A 297 -6.93 18.42 -8.89
C GLU A 297 -8.19 18.66 -9.74
N ASP A 298 -8.00 19.14 -10.98
CA ASP A 298 -9.11 19.33 -11.92
C ASP A 298 -9.25 18.17 -12.90
N SER A 299 -8.36 17.18 -12.76
CA SER A 299 -8.36 16.04 -13.66
C SER A 299 -8.87 14.81 -12.94
N ARG A 300 -9.12 13.75 -13.69
CA ARG A 300 -9.61 12.52 -13.08
C ARG A 300 -8.44 11.61 -12.67
N PHE A 301 -7.68 12.09 -11.69
CA PHE A 301 -6.50 11.39 -11.18
C PHE A 301 -6.81 10.75 -9.83
N PHE A 302 -6.88 9.42 -9.80
CA PHE A 302 -7.22 8.72 -8.58
C PHE A 302 -6.37 7.49 -8.31
N GLU A 303 -6.35 7.11 -7.04
CA GLU A 303 -5.68 5.91 -6.60
C GLU A 303 -6.60 5.14 -5.66
N TYR A 304 -6.37 3.84 -5.60
CA TYR A 304 -7.05 2.97 -4.68
C TYR A 304 -6.06 1.94 -4.18
N LYS A 305 -5.72 2.06 -2.90
CA LYS A 305 -4.83 1.13 -2.22
C LYS A 305 -3.46 0.96 -2.87
N SER A 306 -2.83 2.09 -3.19
CA SER A 306 -1.46 2.04 -3.67
C SER A 306 -0.64 1.61 -2.46
N TYR A 307 0.52 1.04 -2.70
CA TYR A 307 1.40 0.69 -1.59
C TYR A 307 2.84 0.86 -2.05
N GLY A 308 3.77 0.82 -1.11
CA GLY A 308 5.16 1.11 -1.44
C GLY A 308 5.46 2.52 -0.99
N ALA A 309 6.75 2.87 -0.95
CA ALA A 309 7.16 4.17 -0.44
C ALA A 309 6.63 5.35 -1.26
N GLY A 310 6.22 5.09 -2.49
CA GLY A 310 5.72 6.14 -3.37
C GLY A 310 4.24 6.41 -3.21
N ALA A 311 3.58 5.59 -2.40
CA ALA A 311 2.13 5.74 -2.17
C ALA A 311 1.84 7.01 -1.37
N ALA A 312 0.58 7.43 -1.39
CA ALA A 312 0.18 8.68 -0.76
C ALA A 312 0.34 8.74 0.75
N VAL A 313 1.10 9.73 1.20
CA VAL A 313 1.27 10.01 2.62
C VAL A 313 0.38 11.22 2.94
N SER A 314 0.31 12.16 2.00
CA SER A 314 -0.52 13.36 2.13
C SER A 314 -1.94 13.10 1.64
N LYS A 315 -2.75 14.16 1.60
CA LYS A 315 -4.13 14.06 1.17
C LYS A 315 -4.43 14.64 -0.20
N ASP A 316 -3.47 15.31 -0.82
CA ASP A 316 -3.70 15.88 -2.16
C ASP A 316 -3.69 14.83 -3.28
N ARG A 317 -3.81 13.57 -2.88
CA ARG A 317 -3.89 12.45 -3.80
C ARG A 317 -5.19 11.73 -3.49
N ARG A 318 -6.20 12.01 -4.29
CA ARG A 318 -7.53 11.46 -4.08
C ARG A 318 -7.55 9.94 -4.14
N GLN A 319 -8.33 9.37 -3.24
CA GLN A 319 -8.46 7.93 -3.12
C GLN A 319 -9.87 7.52 -3.46
N LEU A 320 -10.01 6.41 -4.17
CA LEU A 320 -11.34 5.89 -4.50
C LEU A 320 -11.89 5.17 -3.27
N THR A 321 -13.21 5.19 -3.13
CA THR A 321 -13.85 4.39 -2.09
C THR A 321 -13.89 2.97 -2.63
N ASP A 322 -14.21 2.01 -1.79
CA ASP A 322 -14.32 0.62 -2.22
C ASP A 322 -15.37 0.52 -3.33
N ALA A 323 -16.47 1.26 -3.15
CA ALA A 323 -17.56 1.25 -4.13
C ALA A 323 -17.12 1.79 -5.49
N GLN A 324 -16.40 2.92 -5.47
CA GLN A 324 -15.88 3.52 -6.70
C GLN A 324 -14.86 2.60 -7.36
N ALA A 325 -14.06 1.93 -6.54
CA ALA A 325 -13.04 1.01 -7.03
C ALA A 325 -13.66 -0.17 -7.78
N ALA A 326 -14.86 -0.57 -7.38
CA ALA A 326 -15.54 -1.70 -8.03
C ALA A 326 -15.92 -1.36 -9.47
N GLU A 327 -15.95 -0.05 -9.78
CA GLU A 327 -16.23 0.41 -11.13
C GLU A 327 -15.03 0.24 -12.08
N TYR A 328 -13.86 -0.10 -11.54
CA TYR A 328 -12.68 -0.24 -12.38
C TYR A 328 -12.23 -1.67 -12.61
N THR A 329 -13.18 -2.60 -12.67
CA THR A 329 -12.88 -4.00 -13.02
C THR A 329 -12.59 -4.09 -14.52
N GLN A 330 -11.91 -5.15 -14.94
CA GLN A 330 -11.62 -5.36 -16.36
C GLN A 330 -12.91 -5.41 -17.17
N SER A 331 -13.93 -6.03 -16.60
CA SER A 331 -15.24 -6.16 -17.23
C SER A 331 -15.85 -4.78 -17.50
N LYS A 332 -15.81 -3.90 -16.52
CA LYS A 332 -16.37 -2.57 -16.69
C LYS A 332 -15.55 -1.69 -17.64
N VAL A 333 -14.22 -1.71 -17.51
CA VAL A 333 -13.37 -0.89 -18.35
C VAL A 333 -13.40 -1.30 -19.82
N LEU A 334 -13.40 -2.61 -20.08
CA LEU A 334 -13.36 -3.12 -21.45
C LEU A 334 -14.73 -3.37 -22.07
N GLY A 335 -15.77 -3.34 -21.25
CA GLY A 335 -17.13 -3.51 -21.75
C GLY A 335 -17.39 -4.84 -22.44
N ASP A 336 -17.92 -4.78 -23.66
CA ASP A 336 -18.28 -5.99 -24.39
C ASP A 336 -17.10 -6.79 -24.94
N TRP A 337 -15.88 -6.29 -24.69
CA TRP A 337 -14.66 -6.95 -25.17
C TRP A 337 -13.95 -7.78 -24.11
N THR A 338 -13.74 -9.06 -24.40
CA THR A 338 -12.97 -9.94 -23.54
C THR A 338 -11.69 -10.31 -24.30
N PRO A 339 -10.56 -9.69 -23.97
CA PRO A 339 -9.30 -9.98 -24.64
C PRO A 339 -8.91 -11.46 -24.55
N THR A 340 -8.64 -12.07 -25.70
CA THR A 340 -8.21 -13.47 -25.75
C THR A 340 -7.16 -13.64 -26.85
N LEU A 341 -6.26 -14.59 -26.64
CA LEU A 341 -5.21 -14.89 -27.59
C LEU A 341 -5.67 -15.94 -28.57
N PRO A 342 -5.11 -15.95 -29.79
CA PRO A 342 -5.48 -16.92 -30.82
C PRO A 342 -5.18 -18.36 -30.37
N ALA B 1 -33.52 -4.41 24.16
CA ALA B 1 -33.78 -4.32 25.63
C ALA B 1 -32.48 -4.41 26.42
N THR B 2 -31.66 -3.36 26.31
CA THR B 2 -30.38 -3.29 27.00
C THR B 2 -30.56 -2.70 28.39
N THR B 3 -30.33 -3.53 29.40
CA THR B 3 -30.53 -3.15 30.80
C THR B 3 -29.22 -2.97 31.57
N TYR B 4 -29.09 -1.85 32.26
CA TYR B 4 -27.90 -1.58 33.07
C TYR B 4 -28.16 -1.91 34.53
N ASN B 5 -27.33 -2.78 35.08
CA ASN B 5 -27.47 -3.17 36.47
C ASN B 5 -26.98 -2.06 37.40
N ALA B 6 -26.09 -1.21 36.87
CA ALA B 6 -25.57 -0.09 37.63
C ALA B 6 -25.14 1.02 36.71
N VAL B 7 -25.14 2.23 37.24
CA VAL B 7 -24.74 3.41 36.50
C VAL B 7 -23.76 4.21 37.32
N VAL B 8 -22.65 4.55 36.67
CA VAL B 8 -21.61 5.35 37.29
C VAL B 8 -21.66 6.73 36.62
N SER B 9 -21.58 7.78 37.43
CA SER B 9 -21.53 9.13 36.87
C SER B 9 -20.85 10.07 37.83
N LYS B 10 -20.44 11.21 37.30
CA LYS B 10 -19.78 12.23 38.10
C LYS B 10 -20.80 13.05 38.88
N SER B 11 -22.08 12.94 38.52
CA SER B 11 -23.15 13.67 39.21
C SER B 11 -23.54 13.05 40.53
N SER B 12 -23.58 13.88 41.56
CA SER B 12 -24.11 13.48 42.86
C SER B 12 -25.60 13.85 42.83
N SER B 13 -26.08 14.09 41.62
CA SER B 13 -27.44 14.50 41.35
C SER B 13 -28.07 13.65 40.24
N ASP B 14 -27.30 12.72 39.69
CA ASP B 14 -27.77 11.83 38.62
C ASP B 14 -28.74 10.79 39.16
N GLY B 15 -28.90 10.77 40.49
CA GLY B 15 -29.82 9.84 41.12
C GLY B 15 -29.12 8.77 41.93
N LYS B 16 -29.64 7.55 41.80
CA LYS B 16 -29.11 6.38 42.51
C LYS B 16 -27.91 5.78 41.78
N THR B 17 -27.04 6.65 41.28
CA THR B 17 -25.84 6.25 40.55
C THR B 17 -24.63 6.09 41.46
N PHE B 18 -23.61 5.40 40.97
CA PHE B 18 -22.38 5.23 41.73
C PHE B 18 -21.39 6.34 41.38
N LYS B 19 -20.53 6.67 42.33
CA LYS B 19 -19.53 7.72 42.13
C LYS B 19 -18.29 7.18 41.44
N THR B 20 -17.92 5.94 41.76
CA THR B 20 -16.75 5.31 41.15
C THR B 20 -17.12 3.99 40.51
N ILE B 21 -16.28 3.54 39.58
CA ILE B 21 -16.52 2.30 38.86
C ILE B 21 -16.33 1.11 39.82
N ALA B 22 -15.35 1.20 40.70
CA ALA B 22 -15.07 0.13 41.64
C ALA B 22 -16.26 -0.20 42.51
N ASP B 23 -16.95 0.83 43.00
CA ASP B 23 -18.15 0.65 43.82
C ASP B 23 -19.27 -0.01 43.02
N ALA B 24 -19.48 0.46 41.79
CA ALA B 24 -20.51 -0.13 40.92
C ALA B 24 -20.21 -1.63 40.72
N ILE B 25 -18.95 -1.96 40.44
CA ILE B 25 -18.54 -3.34 40.27
C ILE B 25 -18.78 -4.14 41.55
N ALA B 26 -18.45 -3.53 42.69
CA ALA B 26 -18.61 -4.19 43.97
C ALA B 26 -20.08 -4.42 44.35
N SER B 27 -20.98 -3.68 43.70
CA SER B 27 -22.41 -3.85 43.95
C SER B 27 -22.97 -5.08 43.24
N ALA B 28 -22.17 -5.68 42.36
CA ALA B 28 -22.58 -6.85 41.61
C ALA B 28 -22.77 -8.07 42.52
N PRO B 29 -23.86 -8.84 42.29
CA PRO B 29 -24.07 -10.02 43.13
C PRO B 29 -23.00 -11.04 42.77
N ALA B 30 -22.52 -11.78 43.77
CA ALA B 30 -21.50 -12.79 43.54
C ALA B 30 -22.00 -13.79 42.51
N GLY B 31 -21.07 -14.40 41.80
CA GLY B 31 -21.43 -15.40 40.80
C GLY B 31 -21.03 -14.98 39.41
N SER B 32 -21.79 -15.44 38.42
CA SER B 32 -21.41 -15.24 37.04
C SER B 32 -22.59 -14.86 36.15
N THR B 33 -23.65 -14.35 36.75
CA THR B 33 -24.74 -13.82 35.94
C THR B 33 -24.17 -12.54 35.32
N PRO B 34 -24.64 -12.18 34.12
CA PRO B 34 -24.11 -10.95 33.49
C PRO B 34 -24.41 -9.70 34.31
N PHE B 35 -23.44 -8.80 34.39
CA PHE B 35 -23.60 -7.54 35.11
C PHE B 35 -23.11 -6.40 34.22
N VAL B 36 -24.00 -5.47 33.91
CA VAL B 36 -23.70 -4.39 32.99
C VAL B 36 -23.70 -3.03 33.68
N ILE B 37 -22.62 -2.29 33.48
CA ILE B 37 -22.44 -0.98 34.11
C ILE B 37 -22.29 0.11 33.07
N LEU B 38 -23.20 1.08 33.09
CA LEU B 38 -23.08 2.25 32.23
C LEU B 38 -22.21 3.26 32.98
N ILE B 39 -21.19 3.77 32.28
CA ILE B 39 -20.31 4.75 32.87
C ILE B 39 -20.54 6.06 32.12
N LYS B 40 -21.21 6.99 32.78
CA LYS B 40 -21.47 8.30 32.19
C LYS B 40 -20.14 9.01 31.94
N ASN B 41 -20.14 9.93 30.97
CA ASN B 41 -18.94 10.68 30.61
C ASN B 41 -18.23 11.28 31.80
N GLY B 42 -16.90 11.18 31.78
CA GLY B 42 -16.10 11.74 32.84
C GLY B 42 -14.76 11.04 32.86
N VAL B 43 -13.81 11.60 33.61
CA VAL B 43 -12.50 10.98 33.76
C VAL B 43 -12.49 10.33 35.13
N TYR B 44 -12.48 9.00 35.15
CA TYR B 44 -12.48 8.25 36.41
C TYR B 44 -11.07 7.81 36.74
N ASN B 45 -10.47 8.46 37.73
CA ASN B 45 -9.10 8.15 38.12
C ASN B 45 -9.08 6.90 39.00
N GLU B 46 -9.10 5.73 38.36
CA GLU B 46 -9.16 4.46 39.08
C GLU B 46 -8.30 3.40 38.41
N ARG B 47 -7.79 2.48 39.22
CA ARG B 47 -7.07 1.31 38.73
C ARG B 47 -7.93 0.11 39.13
N LEU B 48 -8.32 -0.69 38.15
CA LEU B 48 -9.23 -1.80 38.38
C LEU B 48 -8.63 -3.16 38.06
N THR B 49 -8.94 -4.16 38.88
CA THR B 49 -8.56 -5.54 38.61
C THR B 49 -9.87 -6.30 38.59
N ILE B 50 -10.25 -6.75 37.40
CA ILE B 50 -11.52 -7.44 37.20
C ILE B 50 -11.37 -8.91 37.53
N THR B 51 -12.10 -9.37 38.54
CA THR B 51 -12.07 -10.77 38.93
C THR B 51 -13.46 -11.38 38.83
N ARG B 52 -14.45 -10.58 38.47
CA ARG B 52 -15.79 -11.11 38.29
C ARG B 52 -16.05 -11.48 36.85
N ASN B 53 -16.35 -12.75 36.64
CA ASN B 53 -16.72 -13.26 35.34
C ASN B 53 -17.97 -12.55 34.86
N ASN B 54 -18.10 -12.47 33.53
CA ASN B 54 -19.30 -11.95 32.90
C ASN B 54 -19.63 -10.52 33.32
N LEU B 55 -18.60 -9.70 33.49
CA LEU B 55 -18.77 -8.31 33.83
C LEU B 55 -18.67 -7.50 32.54
N HIS B 56 -19.48 -6.45 32.43
CA HIS B 56 -19.52 -5.66 31.21
C HIS B 56 -19.64 -4.17 31.48
N LEU B 57 -18.71 -3.41 30.92
CA LEU B 57 -18.68 -1.97 31.09
C LEU B 57 -19.04 -1.30 29.78
N LYS B 58 -19.90 -0.29 29.86
CA LYS B 58 -20.25 0.50 28.70
C LYS B 58 -20.17 1.97 29.07
N GLY B 59 -19.31 2.70 28.38
CA GLY B 59 -19.21 4.13 28.63
C GLY B 59 -20.21 4.88 27.78
N GLU B 60 -20.54 6.09 28.19
CA GLU B 60 -21.47 6.91 27.45
C GLU B 60 -20.90 7.21 26.05
N SER B 61 -19.58 7.37 25.98
CA SER B 61 -18.91 7.58 24.70
C SER B 61 -17.43 7.26 24.85
N ARG B 62 -16.83 6.79 23.77
CA ARG B 62 -15.41 6.49 23.77
C ARG B 62 -14.59 7.74 24.08
N ASN B 63 -15.02 8.89 23.55
CA ASN B 63 -14.34 10.16 23.76
C ASN B 63 -14.46 10.71 25.19
N GLY B 64 -15.64 10.57 25.78
CA GLY B 64 -15.88 11.18 27.08
C GLY B 64 -15.80 10.29 28.30
N ALA B 65 -15.93 8.98 28.12
CA ALA B 65 -15.90 8.03 29.24
C ALA B 65 -14.50 7.45 29.36
N VAL B 66 -13.78 7.88 30.39
CA VAL B 66 -12.37 7.52 30.51
C VAL B 66 -12.00 6.94 31.88
N ILE B 67 -11.19 5.89 31.85
CA ILE B 67 -10.69 5.26 33.07
C ILE B 67 -9.19 5.46 32.96
N ALA B 68 -8.63 6.20 33.91
CA ALA B 68 -7.23 6.59 33.80
C ALA B 68 -6.50 6.59 35.10
N ALA B 69 -5.23 6.21 35.04
CA ALA B 69 -4.33 6.22 36.18
C ALA B 69 -2.91 6.31 35.63
N ALA B 70 -2.04 6.97 36.38
CA ALA B 70 -0.66 7.11 35.97
C ALA B 70 0.25 6.18 36.77
N THR B 71 0.77 5.14 36.13
CA THR B 71 1.66 4.18 36.80
C THR B 71 2.65 3.57 35.84
N ALA B 72 3.94 3.65 36.17
CA ALA B 72 4.98 3.04 35.36
C ALA B 72 5.52 1.82 36.11
N ALA B 73 6.14 0.90 35.38
CA ALA B 73 6.73 -0.27 36.00
C ALA B 73 7.72 0.18 37.08
N GLY B 74 8.38 1.32 36.80
CA GLY B 74 9.35 1.88 37.72
C GLY B 74 8.77 2.71 38.84
N THR B 75 7.46 2.97 38.79
CA THR B 75 6.80 3.71 39.87
C THR B 75 6.89 2.88 41.15
N LEU B 76 7.24 3.54 42.25
CA LEU B 76 7.42 2.85 43.52
C LEU B 76 6.17 2.81 44.38
N LYS B 77 5.94 1.67 45.00
CA LYS B 77 4.83 1.52 45.94
C LYS B 77 5.22 2.10 47.30
N SER B 78 4.35 1.94 48.28
CA SER B 78 4.60 2.44 49.63
C SER B 78 5.84 1.79 50.23
N ASP B 79 5.97 0.49 50.04
CA ASP B 79 7.10 -0.27 50.56
C ASP B 79 8.42 -0.03 49.83
N GLY B 80 8.39 0.85 48.83
CA GLY B 80 9.60 1.18 48.10
C GLY B 80 9.92 0.28 46.91
N SER B 81 9.13 -0.76 46.68
CA SER B 81 9.37 -1.63 45.53
C SER B 81 8.67 -1.08 44.27
N LYS B 82 9.04 -1.63 43.12
CA LYS B 82 8.45 -1.24 41.83
C LYS B 82 7.16 -1.99 41.55
N TRP B 83 6.21 -1.32 40.90
CA TRP B 83 4.97 -1.96 40.48
C TRP B 83 5.23 -3.06 39.47
N GLY B 84 6.20 -2.83 38.60
CA GLY B 84 6.50 -3.79 37.56
C GLY B 84 5.63 -3.54 36.34
N THR B 85 5.90 -4.27 35.26
CA THR B 85 5.15 -4.10 34.04
C THR B 85 3.69 -4.45 34.18
N ALA B 86 3.41 -5.69 34.57
CA ALA B 86 2.04 -6.12 34.80
C ALA B 86 1.39 -5.24 35.86
N GLY B 87 2.15 -4.91 36.90
CA GLY B 87 1.63 -4.13 38.01
C GLY B 87 1.31 -2.67 37.73
N SER B 88 1.82 -2.13 36.62
CA SER B 88 1.58 -0.73 36.27
C SER B 88 0.23 -0.54 35.57
N SER B 89 -0.42 -1.65 35.26
CA SER B 89 -1.64 -1.64 34.47
C SER B 89 -2.80 -0.86 35.10
N THR B 90 -3.45 0.00 34.30
CA THR B 90 -4.60 0.75 34.80
C THR B 90 -5.76 -0.23 35.01
N ILE B 91 -6.00 -1.06 34.01
CA ILE B 91 -7.00 -2.09 34.11
C ILE B 91 -6.41 -3.47 33.85
N THR B 92 -6.75 -4.39 34.74
CA THR B 92 -6.29 -5.76 34.64
C THR B 92 -7.48 -6.68 34.57
N ILE B 93 -7.56 -7.46 33.50
CA ILE B 93 -8.66 -8.41 33.31
C ILE B 93 -8.23 -9.80 33.77
N SER B 94 -8.78 -10.24 34.89
CA SER B 94 -8.47 -11.55 35.42
C SER B 94 -9.75 -12.38 35.59
N ALA B 95 -10.69 -12.19 34.68
CA ALA B 95 -11.96 -12.92 34.71
C ALA B 95 -12.39 -13.19 33.27
N LYS B 96 -13.29 -14.15 33.11
CA LYS B 96 -13.75 -14.53 31.78
C LYS B 96 -14.95 -13.72 31.31
N ASP B 97 -15.10 -13.68 29.99
CA ASP B 97 -16.25 -13.04 29.34
C ASP B 97 -16.46 -11.60 29.74
N PHE B 98 -15.36 -10.87 29.85
CA PHE B 98 -15.41 -9.44 30.10
C PHE B 98 -15.66 -8.70 28.80
N SER B 99 -16.33 -7.56 28.89
CA SER B 99 -16.47 -6.69 27.72
C SER B 99 -16.52 -5.23 28.13
N ALA B 100 -15.86 -4.40 27.33
CA ALA B 100 -15.89 -2.95 27.52
C ALA B 100 -16.28 -2.35 26.18
N GLN B 101 -17.14 -1.35 26.21
CA GLN B 101 -17.58 -0.70 24.98
C GLN B 101 -17.66 0.79 25.18
N SER B 102 -17.32 1.54 24.12
CA SER B 102 -17.44 2.99 24.12
C SER B 102 -16.81 3.70 25.32
N LEU B 103 -15.55 3.39 25.58
CA LEU B 103 -14.82 4.04 26.65
C LEU B 103 -13.33 4.02 26.37
N THR B 104 -12.60 4.81 27.14
CA THR B 104 -11.17 4.93 26.97
C THR B 104 -10.48 4.47 28.25
N ILE B 105 -9.39 3.72 28.07
CA ILE B 105 -8.57 3.24 29.17
C ILE B 105 -7.18 3.83 28.92
N ARG B 106 -6.70 4.61 29.87
CA ARG B 106 -5.40 5.25 29.72
C ARG B 106 -4.46 4.92 30.84
N ASN B 107 -3.18 4.84 30.50
CA ASN B 107 -2.18 4.89 31.54
C ASN B 107 -1.61 6.27 31.32
N ASP B 108 -1.82 7.15 32.29
CA ASP B 108 -1.36 8.53 32.18
C ASP B 108 0.08 8.78 32.55
N PHE B 109 0.91 7.74 32.61
CA PHE B 109 2.31 7.95 32.89
C PHE B 109 2.85 8.90 31.82
N ASP B 110 3.38 10.04 32.26
CA ASP B 110 3.89 11.03 31.31
C ASP B 110 5.27 10.62 30.84
N PHE B 111 5.30 9.73 29.86
CA PHE B 111 6.55 9.21 29.34
C PHE B 111 7.45 10.33 28.80
N PRO B 112 6.90 11.25 27.99
CA PRO B 112 7.73 12.35 27.46
C PRO B 112 8.33 13.25 28.55
N ALA B 113 7.54 13.60 29.56
CA ALA B 113 8.04 14.44 30.65
C ALA B 113 9.11 13.69 31.44
N ASN B 114 8.96 12.38 31.54
CA ASN B 114 9.94 11.57 32.24
C ASN B 114 11.24 11.51 31.45
N GLN B 115 11.14 11.32 30.14
CA GLN B 115 12.33 11.28 29.29
C GLN B 115 13.06 12.62 29.28
N ALA B 116 12.30 13.70 29.41
CA ALA B 116 12.86 15.05 29.40
C ALA B 116 13.57 15.42 30.70
N LYS B 117 13.38 14.63 31.75
CA LYS B 117 14.03 14.95 33.02
C LYS B 117 15.54 14.74 32.91
N SER B 118 16.29 15.45 33.73
CA SER B 118 17.74 15.30 33.76
C SER B 118 18.06 13.91 34.28
N ASP B 119 19.16 13.34 33.82
CA ASP B 119 19.56 12.01 34.26
C ASP B 119 19.91 11.94 35.73
N SER B 120 20.27 13.08 36.33
CA SER B 120 20.60 13.12 37.75
C SER B 120 19.34 13.36 38.58
N ASP B 121 18.23 13.65 37.92
CA ASP B 121 16.95 13.79 38.62
C ASP B 121 16.58 12.39 39.10
N SER B 122 16.61 12.19 40.41
CA SER B 122 16.34 10.88 40.99
C SER B 122 14.92 10.37 40.72
N SER B 123 14.02 11.26 40.30
CA SER B 123 12.64 10.85 40.01
C SER B 123 12.47 10.42 38.56
N LYS B 124 13.55 10.43 37.79
CA LYS B 124 13.49 9.97 36.41
C LYS B 124 13.52 8.45 36.39
N ILE B 125 12.46 7.86 35.86
CA ILE B 125 12.25 6.43 35.84
C ILE B 125 12.88 5.74 34.62
N LYS B 126 13.57 4.63 34.87
CA LYS B 126 14.14 3.82 33.81
C LYS B 126 13.12 2.81 33.27
N ASP B 127 12.42 2.12 34.17
CA ASP B 127 11.42 1.15 33.77
C ASP B 127 10.15 1.89 33.38
N THR B 128 10.13 2.33 32.13
CA THR B 128 9.11 3.22 31.60
C THR B 128 7.87 2.57 31.01
N GLN B 129 7.76 1.25 31.07
CA GLN B 129 6.54 0.61 30.60
C GLN B 129 5.37 0.99 31.52
N ALA B 130 4.28 1.39 30.90
CA ALA B 130 3.10 1.81 31.65
C ALA B 130 1.89 1.29 30.90
N VAL B 131 1.41 0.14 31.35
CA VAL B 131 0.32 -0.58 30.69
C VAL B 131 -1.03 0.08 30.97
N ALA B 132 -1.81 0.28 29.91
CA ALA B 132 -3.17 0.79 30.06
C ALA B 132 -4.09 -0.37 30.33
N LEU B 133 -3.98 -1.40 29.49
CA LEU B 133 -4.82 -2.58 29.61
C LEU B 133 -3.98 -3.86 29.62
N TYR B 134 -4.27 -4.72 30.60
CA TYR B 134 -3.61 -6.02 30.73
C TYR B 134 -4.64 -7.13 30.81
N VAL B 135 -4.69 -7.99 29.81
CA VAL B 135 -5.56 -9.16 29.86
C VAL B 135 -4.69 -10.33 30.27
N THR B 136 -4.90 -10.83 31.48
CA THR B 136 -4.08 -11.91 32.04
C THR B 136 -4.50 -13.28 31.52
N LYS B 137 -3.86 -14.32 32.05
CA LYS B 137 -4.18 -15.68 31.67
C LYS B 137 -5.52 -16.14 32.23
N SER B 138 -6.08 -15.35 33.13
CA SER B 138 -7.38 -15.64 33.74
C SER B 138 -8.49 -14.88 33.02
N GLY B 139 -8.14 -14.16 31.96
CA GLY B 139 -9.13 -13.33 31.28
C GLY B 139 -9.61 -13.75 29.91
N ASP B 140 -9.76 -15.06 29.69
CA ASP B 140 -10.22 -15.56 28.41
C ASP B 140 -11.50 -14.86 27.95
N ARG B 141 -11.60 -14.64 26.64
CA ARG B 141 -12.78 -14.06 26.02
C ARG B 141 -13.06 -12.63 26.48
N ALA B 142 -12.04 -11.78 26.34
CA ALA B 142 -12.18 -10.37 26.67
C ALA B 142 -12.51 -9.64 25.36
N TYR B 143 -13.57 -8.84 25.40
CA TYR B 143 -14.08 -8.16 24.22
C TYR B 143 -14.06 -6.64 24.43
N PHE B 144 -13.45 -5.93 23.48
CA PHE B 144 -13.36 -4.47 23.55
C PHE B 144 -13.86 -3.85 22.24
N LYS B 145 -15.02 -3.21 22.31
CA LYS B 145 -15.62 -2.61 21.12
C LYS B 145 -15.71 -1.12 21.28
N ASP B 146 -15.25 -0.39 20.26
CA ASP B 146 -15.27 1.07 20.29
C ASP B 146 -14.58 1.56 21.56
N VAL B 147 -13.45 0.92 21.87
CA VAL B 147 -12.65 1.27 23.04
C VAL B 147 -11.34 1.91 22.62
N SER B 148 -10.87 2.88 23.40
CA SER B 148 -9.60 3.52 23.13
C SER B 148 -8.62 3.15 24.25
N LEU B 149 -7.43 2.70 23.86
CA LEU B 149 -6.39 2.35 24.82
C LEU B 149 -5.25 3.34 24.59
N VAL B 150 -4.87 4.04 25.65
CA VAL B 150 -3.87 5.09 25.55
C VAL B 150 -2.65 4.82 26.41
N GLY B 151 -1.49 4.98 25.80
CA GLY B 151 -0.24 4.82 26.52
C GLY B 151 0.92 5.13 25.58
N TYR B 152 2.13 4.88 26.06
CA TYR B 152 3.34 5.04 25.25
C TYR B 152 3.98 3.68 25.15
N GLN B 153 4.82 3.33 26.12
CA GLN B 153 5.46 2.03 26.13
C GLN B 153 4.56 0.97 26.76
N ASP B 154 4.35 -0.13 26.04
CA ASP B 154 3.58 -1.26 26.57
C ASP B 154 2.11 -0.97 26.89
N THR B 155 1.44 -0.22 26.02
CA THR B 155 0.04 0.15 26.22
C THR B 155 -0.90 -1.03 26.48
N LEU B 156 -0.79 -2.05 25.65
CA LEU B 156 -1.67 -3.21 25.75
C LEU B 156 -0.89 -4.50 25.94
N TYR B 157 -1.16 -5.15 27.07
CA TYR B 157 -0.53 -6.41 27.43
C TYR B 157 -1.62 -7.48 27.34
N VAL B 158 -1.55 -8.31 26.30
CA VAL B 158 -2.51 -9.41 26.15
C VAL B 158 -1.80 -10.75 26.37
N SER B 159 -2.29 -11.50 27.33
CA SER B 159 -1.66 -12.76 27.71
C SER B 159 -2.71 -13.85 27.89
N GLY B 160 -2.30 -15.09 27.75
CA GLY B 160 -3.20 -16.20 27.96
C GLY B 160 -4.16 -16.53 26.84
N GLY B 161 -5.45 -16.25 27.08
CA GLY B 161 -6.50 -16.65 26.16
C GLY B 161 -6.80 -15.71 25.01
N ARG B 162 -8.07 -15.66 24.63
CA ARG B 162 -8.48 -14.84 23.50
C ARG B 162 -9.03 -13.50 23.89
N SER B 163 -8.73 -12.50 23.06
CA SER B 163 -9.27 -11.17 23.24
C SER B 163 -9.59 -10.62 21.86
N PHE B 164 -10.64 -9.81 21.77
CA PHE B 164 -11.05 -9.21 20.51
C PHE B 164 -11.24 -7.71 20.69
N PHE B 165 -10.62 -6.95 19.80
CA PHE B 165 -10.67 -5.50 19.80
C PHE B 165 -11.27 -5.10 18.47
N SER B 166 -12.45 -4.47 18.54
CA SER B 166 -13.18 -4.08 17.35
C SER B 166 -13.46 -2.58 17.37
N ASP B 167 -13.21 -1.92 16.24
CA ASP B 167 -13.43 -0.48 16.08
C ASP B 167 -12.75 0.28 17.21
N CYS B 168 -11.54 -0.15 17.56
N CYS B 168 -11.54 -0.13 17.55
CA CYS B 168 -10.80 0.45 18.66
CA CYS B 168 -10.82 0.49 18.66
C CYS B 168 -9.66 1.34 18.20
C CYS B 168 -9.70 1.39 18.18
N ARG B 169 -9.12 2.12 19.13
CA ARG B 169 -7.98 2.97 18.87
C ARG B 169 -6.97 2.57 19.93
N ILE B 170 -5.78 2.18 19.49
CA ILE B 170 -4.71 1.85 20.41
C ILE B 170 -3.49 2.67 20.03
N SER B 171 -3.00 3.46 20.98
CA SER B 171 -1.86 4.30 20.70
C SER B 171 -0.68 3.91 21.56
N GLY B 172 0.51 4.13 21.03
CA GLY B 172 1.72 3.86 21.80
C GLY B 172 3.00 4.13 21.03
N THR B 173 4.10 3.74 21.67
CA THR B 173 5.42 3.91 21.11
C THR B 173 6.10 2.54 21.01
N VAL B 174 6.70 2.10 22.12
CA VAL B 174 7.42 0.84 22.15
C VAL B 174 6.58 -0.34 22.62
N ASP B 175 6.49 -1.36 21.76
CA ASP B 175 5.77 -2.60 22.06
C ASP B 175 4.38 -2.32 22.62
N PHE B 176 3.64 -1.41 22.00
CA PHE B 176 2.37 -1.02 22.60
C PHE B 176 1.25 -2.05 22.52
N ILE B 177 1.51 -3.14 21.81
CA ILE B 177 0.66 -4.34 21.86
C ILE B 177 1.66 -5.51 22.01
N PHE B 178 1.68 -6.13 23.18
CA PHE B 178 2.64 -7.20 23.44
C PHE B 178 2.03 -8.31 24.26
N GLY B 179 2.66 -9.47 24.21
CA GLY B 179 2.17 -10.59 25.00
C GLY B 179 2.01 -11.86 24.19
N ASP B 180 1.52 -12.90 24.87
CA ASP B 180 1.43 -14.25 24.31
C ASP B 180 0.00 -14.65 23.98
N GLY B 181 -0.95 -13.74 24.23
CA GLY B 181 -2.34 -14.07 23.99
C GLY B 181 -2.72 -14.14 22.53
N THR B 182 -3.91 -14.69 22.29
CA THR B 182 -4.53 -14.68 20.99
C THR B 182 -5.40 -13.43 20.97
N ALA B 183 -4.89 -12.39 20.31
CA ALA B 183 -5.56 -11.09 20.28
C ALA B 183 -5.87 -10.73 18.84
N LEU B 184 -7.16 -10.56 18.57
CA LEU B 184 -7.66 -10.18 17.24
C LEU B 184 -8.12 -8.72 17.28
N PHE B 185 -7.61 -7.94 16.32
CA PHE B 185 -7.93 -6.53 16.21
C PHE B 185 -8.56 -6.31 14.84
N ASN B 186 -9.80 -5.86 14.82
CA ASN B 186 -10.45 -5.58 13.56
C ASN B 186 -10.96 -4.15 13.52
N ASN B 187 -10.67 -3.49 12.41
CA ASN B 187 -11.09 -2.12 12.19
C ASN B 187 -10.62 -1.17 13.30
N CYS B 188 -9.34 -1.30 13.67
CA CYS B 188 -8.75 -0.47 14.69
C CYS B 188 -7.76 0.51 14.12
N ASP B 189 -7.61 1.63 14.82
CA ASP B 189 -6.55 2.59 14.52
C ASP B 189 -5.40 2.27 15.48
N LEU B 190 -4.26 1.85 14.91
CA LEU B 190 -3.07 1.62 15.71
C LEU B 190 -2.22 2.87 15.52
N VAL B 191 -2.18 3.69 16.56
CA VAL B 191 -1.57 5.00 16.49
C VAL B 191 -0.14 5.06 17.04
N SER B 192 0.84 5.23 16.14
CA SER B 192 2.24 5.35 16.53
C SER B 192 2.51 6.80 16.94
N ARG B 193 3.04 6.96 18.14
CA ARG B 193 3.20 8.29 18.71
C ARG B 193 4.56 8.92 18.52
N TYR B 194 4.57 10.24 18.59
CA TYR B 194 5.78 11.04 18.45
C TYR B 194 6.73 10.81 19.61
N ARG B 195 8.00 10.66 19.30
CA ARG B 195 9.01 10.57 20.35
C ARG B 195 10.03 11.70 20.31
N ALA B 196 9.84 12.65 21.21
CA ALA B 196 10.66 13.84 21.30
C ALA B 196 12.08 13.49 21.72
N ASP B 197 12.24 12.36 22.39
CA ASP B 197 13.52 11.92 22.91
C ASP B 197 14.30 11.04 21.93
N VAL B 198 13.76 10.81 20.74
CA VAL B 198 14.45 9.98 19.75
C VAL B 198 14.86 10.78 18.53
N LYS B 199 16.15 10.70 18.20
CA LYS B 199 16.68 11.37 17.00
C LYS B 199 15.98 10.83 15.76
N SER B 200 15.74 11.72 14.78
CA SER B 200 14.97 11.40 13.58
C SER B 200 15.36 10.16 12.76
N GLY B 201 16.62 9.74 12.85
CA GLY B 201 17.03 8.56 12.11
C GLY B 201 17.00 7.27 12.92
N ASN B 202 16.53 7.34 14.16
CA ASN B 202 16.46 6.16 15.02
C ASN B 202 15.04 5.64 15.16
N VAL B 203 14.92 4.46 15.76
CA VAL B 203 13.62 3.83 15.94
C VAL B 203 12.83 4.47 17.07
N SER B 204 11.60 4.89 16.76
CA SER B 204 10.73 5.50 17.75
C SER B 204 9.92 4.46 18.51
N GLY B 205 9.66 3.32 17.88
CA GLY B 205 8.92 2.27 18.56
C GLY B 205 8.55 1.07 17.70
N TYR B 206 7.68 0.23 18.24
CA TYR B 206 7.26 -1.00 17.56
C TYR B 206 5.82 -1.26 17.93
N LEU B 207 4.97 -1.47 16.92
CA LEU B 207 3.56 -1.71 17.17
C LEU B 207 3.33 -2.95 18.03
N THR B 208 4.05 -4.02 17.74
CA THR B 208 3.84 -5.28 18.46
C THR B 208 5.13 -5.95 18.92
N ALA B 209 5.02 -6.68 20.02
CA ALA B 209 6.11 -7.49 20.56
C ALA B 209 5.44 -8.76 21.04
N PRO B 210 5.07 -9.64 20.12
CA PRO B 210 4.41 -10.91 20.47
C PRO B 210 5.38 -11.88 21.10
N SER B 211 4.90 -12.60 22.11
CA SER B 211 5.68 -13.61 22.80
C SER B 211 5.04 -15.00 22.65
N THR B 212 4.10 -15.10 21.70
CA THR B 212 3.34 -16.31 21.41
C THR B 212 4.19 -17.60 21.42
N ASN B 213 3.78 -18.58 22.21
CA ASN B 213 4.49 -19.86 22.18
C ASN B 213 4.36 -20.49 20.79
N ILE B 214 5.45 -21.10 20.32
CA ILE B 214 5.49 -21.70 18.98
C ILE B 214 4.35 -22.70 18.74
N ASN B 215 3.84 -23.33 19.80
CA ASN B 215 2.76 -24.30 19.64
C ASN B 215 1.38 -23.67 19.62
N GLN B 216 1.31 -22.36 19.88
CA GLN B 216 0.05 -21.65 19.83
C GLN B 216 -0.17 -21.20 18.39
N LYS B 217 -1.30 -21.59 17.83
CA LYS B 217 -1.62 -21.33 16.44
C LYS B 217 -1.80 -19.83 16.12
N TYR B 218 -2.40 -19.07 17.03
CA TYR B 218 -2.61 -17.64 16.80
C TYR B 218 -2.09 -16.72 17.89
N GLY B 219 -1.41 -15.68 17.46
CA GLY B 219 -0.92 -14.69 18.40
C GLY B 219 -1.62 -13.37 18.15
N LEU B 220 -0.86 -12.39 17.68
CA LEU B 220 -1.43 -11.07 17.40
C LEU B 220 -1.87 -11.00 15.95
N VAL B 221 -3.17 -10.80 15.75
CA VAL B 221 -3.74 -10.75 14.41
C VAL B 221 -4.52 -9.47 14.18
N ILE B 222 -4.01 -8.63 13.30
CA ILE B 222 -4.61 -7.34 12.99
C ILE B 222 -5.24 -7.37 11.59
N THR B 223 -6.55 -7.12 11.53
CA THR B 223 -7.30 -7.19 10.27
C THR B 223 -8.08 -5.90 9.97
N ASN B 224 -8.13 -5.53 8.69
CA ASN B 224 -8.94 -4.39 8.23
C ASN B 224 -8.72 -3.14 9.06
N SER B 225 -7.48 -2.91 9.45
CA SER B 225 -7.18 -1.81 10.34
C SER B 225 -6.33 -0.73 9.67
N ARG B 226 -5.90 0.24 10.47
CA ARG B 226 -5.12 1.35 9.97
C ARG B 226 -3.94 1.61 10.90
N VAL B 227 -2.75 1.49 10.35
CA VAL B 227 -1.53 1.74 11.08
C VAL B 227 -1.15 3.16 10.72
N ILE B 228 -1.37 4.07 11.66
CA ILE B 228 -1.17 5.48 11.41
C ILE B 228 -0.26 6.15 12.44
N ARG B 229 0.25 7.32 12.08
CA ARG B 229 1.04 8.10 13.01
C ARG B 229 0.16 9.18 13.61
N GLU B 230 0.40 9.50 14.87
CA GLU B 230 -0.42 10.48 15.56
C GLU B 230 -0.22 11.90 15.03
N SER B 231 0.94 12.16 14.43
CA SER B 231 1.25 13.50 13.92
C SER B 231 2.24 13.41 12.78
N ASP B 232 2.34 14.51 12.00
CA ASP B 232 3.28 14.56 10.88
C ASP B 232 4.72 14.55 11.33
N SER B 233 4.97 14.76 12.63
CA SER B 233 6.32 14.76 13.15
C SER B 233 6.87 13.35 13.42
N VAL B 234 6.00 12.34 13.36
CA VAL B 234 6.47 10.97 13.48
C VAL B 234 7.20 10.77 12.16
N PRO B 235 8.52 10.58 12.21
CA PRO B 235 9.33 10.41 10.99
C PRO B 235 9.01 9.19 10.13
N ALA B 236 9.35 9.28 8.86
CA ALA B 236 9.19 8.15 7.95
C ALA B 236 10.13 7.06 8.44
N LYS B 237 9.68 5.82 8.38
CA LYS B 237 10.52 4.67 8.74
C LYS B 237 11.08 4.80 10.15
N SER B 238 10.19 5.03 11.11
CA SER B 238 10.58 5.14 12.51
C SER B 238 9.94 4.06 13.39
N TYR B 239 8.99 3.32 12.82
CA TYR B 239 8.28 2.27 13.57
C TYR B 239 8.37 0.89 12.96
N GLY B 240 8.64 -0.10 13.81
CA GLY B 240 8.62 -1.48 13.38
C GLY B 240 7.22 -2.04 13.54
N LEU B 241 6.83 -2.96 12.66
CA LEU B 241 5.53 -3.60 12.76
C LEU B 241 5.54 -4.54 13.95
N GLY B 242 6.72 -5.09 14.21
CA GLY B 242 6.83 -6.04 15.29
C GLY B 242 8.27 -6.39 15.57
N ARG B 243 8.45 -6.98 16.74
CA ARG B 243 9.74 -7.31 17.29
C ARG B 243 9.43 -8.57 18.12
N PRO B 244 10.28 -9.62 18.03
CA PRO B 244 10.05 -10.87 18.78
C PRO B 244 10.44 -10.79 20.24
N TRP B 245 9.43 -10.80 21.12
CA TRP B 245 9.69 -10.76 22.55
C TRP B 245 9.70 -12.17 23.12
N HIS B 246 10.87 -12.58 23.63
CA HIS B 246 11.03 -13.87 24.29
C HIS B 246 11.19 -13.56 25.78
N PRO B 247 10.07 -13.65 26.53
CA PRO B 247 10.09 -13.37 27.97
C PRO B 247 11.10 -14.16 28.76
N THR B 248 11.74 -13.47 29.71
CA THR B 248 12.63 -14.10 30.67
C THR B 248 11.75 -15.11 31.38
N THR B 249 12.17 -16.37 31.34
CA THR B 249 11.36 -17.46 31.86
C THR B 249 12.21 -18.41 32.67
N THR B 250 11.60 -19.03 33.69
CA THR B 250 12.30 -19.98 34.53
C THR B 250 12.21 -21.38 33.96
N PHE B 251 13.38 -21.98 33.75
CA PHE B 251 13.48 -23.32 33.20
C PHE B 251 14.30 -24.15 34.17
N SER B 252 14.30 -25.46 33.98
CA SER B 252 15.04 -26.31 34.89
C SER B 252 16.56 -26.07 34.78
N ASP B 253 16.99 -25.39 33.72
CA ASP B 253 18.40 -25.08 33.54
C ASP B 253 18.71 -23.59 33.63
N GLY B 254 17.84 -22.84 34.29
CA GLY B 254 18.07 -21.42 34.47
C GLY B 254 16.91 -20.52 34.06
N ARG B 255 17.07 -19.23 34.32
CA ARG B 255 16.06 -18.22 34.00
C ARG B 255 16.62 -17.33 32.91
N TYR B 256 15.95 -17.30 31.77
CA TYR B 256 16.44 -16.55 30.62
C TYR B 256 15.35 -16.44 29.55
N ALA B 257 15.68 -15.78 28.44
CA ALA B 257 14.72 -15.57 27.36
C ALA B 257 14.22 -16.88 26.79
N ASP B 258 12.90 -17.05 26.84
CA ASP B 258 12.23 -18.26 26.37
C ASP B 258 12.46 -18.43 24.86
N PRO B 259 13.22 -19.47 24.47
CA PRO B 259 13.54 -19.77 23.06
C PRO B 259 12.32 -20.18 22.24
N ASN B 260 11.26 -20.63 22.92
CA ASN B 260 10.05 -21.10 22.23
C ASN B 260 8.97 -20.03 22.09
N ALA B 261 9.19 -18.88 22.70
CA ALA B 261 8.26 -17.77 22.58
C ALA B 261 8.55 -17.10 21.24
N ILE B 262 8.19 -17.81 20.18
CA ILE B 262 8.43 -17.36 18.82
C ILE B 262 7.15 -16.67 18.35
N GLY B 263 7.03 -15.41 18.76
CA GLY B 263 5.81 -14.65 18.54
C GLY B 263 5.22 -14.55 17.15
N GLN B 264 3.90 -14.36 17.10
CA GLN B 264 3.20 -14.17 15.85
C GLN B 264 2.49 -12.83 15.75
N THR B 265 2.77 -12.09 14.69
CA THR B 265 1.99 -10.91 14.38
C THR B 265 1.66 -10.99 12.90
N VAL B 266 0.36 -10.96 12.61
CA VAL B 266 -0.11 -11.01 11.23
C VAL B 266 -1.02 -9.83 10.94
N PHE B 267 -0.74 -9.11 9.86
CA PHE B 267 -1.59 -8.01 9.41
C PHE B 267 -2.28 -8.47 8.13
N LEU B 268 -3.57 -8.18 8.01
CA LEU B 268 -4.31 -8.49 6.79
C LEU B 268 -5.18 -7.29 6.44
N ASN B 269 -5.20 -6.93 5.15
CA ASN B 269 -6.01 -5.81 4.65
C ASN B 269 -5.91 -4.57 5.53
N THR B 270 -4.68 -4.22 5.88
CA THR B 270 -4.47 -3.11 6.79
C THR B 270 -3.61 -2.06 6.11
N SER B 271 -4.00 -0.79 6.24
CA SER B 271 -3.20 0.29 5.67
C SER B 271 -2.07 0.63 6.62
N MET B 272 -0.96 1.06 6.04
CA MET B 272 0.21 1.44 6.80
C MET B 272 0.80 2.70 6.22
N ASP B 273 0.96 3.71 7.06
CA ASP B 273 1.58 4.96 6.63
C ASP B 273 3.08 4.75 6.62
N ASN B 274 3.83 5.66 6.00
CA ASN B 274 5.25 5.43 5.85
C ASN B 274 6.12 5.55 7.08
N HIS B 275 5.53 5.75 8.25
CA HIS B 275 6.35 5.69 9.46
C HIS B 275 6.84 4.24 9.66
N ILE B 276 6.14 3.27 9.09
CA ILE B 276 6.53 1.87 9.18
C ILE B 276 7.74 1.54 8.30
N TYR B 277 8.75 0.87 8.87
CA TYR B 277 9.91 0.47 8.09
C TYR B 277 9.97 -1.04 7.85
N GLY B 278 9.16 -1.78 8.59
CA GLY B 278 9.16 -3.22 8.46
C GLY B 278 9.22 -3.89 9.82
N TRP B 279 9.73 -5.12 9.86
CA TRP B 279 9.85 -5.82 11.12
C TRP B 279 11.20 -5.53 11.76
N ASP B 280 11.38 -5.91 13.01
CA ASP B 280 12.67 -5.71 13.65
C ASP B 280 13.02 -6.89 14.55
N LYS B 281 14.26 -6.92 15.01
CA LYS B 281 14.73 -7.97 15.89
C LYS B 281 14.64 -7.47 17.33
N MET B 282 14.99 -8.33 18.27
CA MET B 282 14.97 -7.97 19.69
C MET B 282 15.99 -8.81 20.41
N SER B 283 16.61 -8.24 21.43
CA SER B 283 17.61 -8.98 22.16
C SER B 283 17.13 -9.39 23.53
N GLY B 284 17.70 -10.48 24.04
CA GLY B 284 17.43 -10.93 25.39
C GLY B 284 18.70 -11.59 25.89
N LYS B 285 18.61 -12.32 27.00
CA LYS B 285 19.75 -13.06 27.52
C LYS B 285 19.48 -14.53 27.38
N ASP B 286 20.45 -15.28 26.89
CA ASP B 286 20.28 -16.72 26.73
C ASP B 286 20.65 -17.49 28.01
N LYS B 287 20.63 -18.81 27.92
CA LYS B 287 20.91 -19.68 29.06
C LYS B 287 22.31 -19.51 29.63
N ASN B 288 23.18 -18.82 28.90
CA ASN B 288 24.56 -18.64 29.35
C ASN B 288 24.79 -17.23 29.87
N GLY B 289 23.77 -16.38 29.78
CA GLY B 289 23.93 -15.01 30.19
C GLY B 289 24.46 -14.13 29.07
N ASN B 290 24.56 -14.68 27.86
CA ASN B 290 25.00 -13.90 26.72
C ASN B 290 23.84 -13.19 26.06
N THR B 291 24.18 -12.13 25.34
CA THR B 291 23.21 -11.38 24.55
C THR B 291 22.79 -12.28 23.40
N ILE B 292 21.50 -12.34 23.14
CA ILE B 292 21.01 -13.10 22.01
C ILE B 292 19.97 -12.26 21.27
N TRP B 293 20.03 -12.31 19.96
CA TRP B 293 19.10 -11.59 19.13
C TRP B 293 18.08 -12.54 18.52
N PHE B 294 16.82 -12.19 18.68
CA PHE B 294 15.76 -12.95 18.07
C PHE B 294 15.33 -12.16 16.84
N ASN B 295 15.40 -12.81 15.69
CA ASN B 295 15.21 -12.14 14.42
C ASN B 295 13.82 -12.27 13.84
N PRO B 296 13.37 -11.23 13.13
CA PRO B 296 12.04 -11.24 12.52
C PRO B 296 11.86 -12.40 11.54
N GLU B 297 12.87 -12.67 10.73
CA GLU B 297 12.75 -13.77 9.77
C GLU B 297 12.60 -15.14 10.44
N ASP B 298 12.88 -15.23 11.74
CA ASP B 298 12.71 -16.47 12.51
C ASP B 298 11.41 -16.46 13.29
N SER B 299 10.65 -15.39 13.16
CA SER B 299 9.39 -15.25 13.88
C SER B 299 8.23 -15.40 12.92
N ARG B 300 7.03 -15.51 13.47
CA ARG B 300 5.84 -15.63 12.64
C ARG B 300 5.27 -14.25 12.30
N PHE B 301 6.04 -13.49 11.53
CA PHE B 301 5.68 -12.15 11.12
C PHE B 301 5.22 -12.14 9.67
N PHE B 302 3.92 -11.91 9.45
CA PHE B 302 3.38 -11.93 8.10
C PHE B 302 2.41 -10.81 7.81
N GLU B 303 2.25 -10.54 6.51
CA GLU B 303 1.27 -9.59 6.03
C GLU B 303 0.52 -10.19 4.85
N TYR B 304 -0.67 -9.67 4.64
CA TYR B 304 -1.50 -10.05 3.52
C TYR B 304 -2.23 -8.81 3.04
N LYS B 305 -1.83 -8.33 1.87
CA LYS B 305 -2.45 -7.19 1.23
C LYS B 305 -2.45 -5.91 2.06
N SER B 306 -1.31 -5.57 2.63
CA SER B 306 -1.16 -4.29 3.30
C SER B 306 -1.20 -3.26 2.19
N TYR B 307 -1.58 -2.04 2.52
CA TYR B 307 -1.54 -0.98 1.53
C TYR B 307 -1.17 0.31 2.23
N GLY B 308 -0.86 1.35 1.47
CA GLY B 308 -0.38 2.58 2.04
C GLY B 308 1.12 2.65 1.85
N ALA B 309 1.69 3.81 2.09
CA ALA B 309 3.11 4.00 1.83
C ALA B 309 4.02 3.16 2.72
N GLY B 310 3.48 2.66 3.82
CA GLY B 310 4.27 1.84 4.73
C GLY B 310 4.24 0.35 4.40
N ALA B 311 3.41 -0.01 3.43
CA ALA B 311 3.33 -1.39 2.99
C ALA B 311 4.43 -1.62 1.97
N ALA B 312 5.09 -2.77 2.08
CA ALA B 312 6.16 -3.10 1.15
C ALA B 312 6.17 -4.60 1.03
N VAL B 313 6.40 -5.07 -0.18
CA VAL B 313 6.52 -6.49 -0.42
C VAL B 313 7.95 -6.77 -0.79
N SER B 314 8.62 -7.57 0.03
CA SER B 314 10.02 -7.92 -0.20
C SER B 314 10.37 -9.16 0.61
N LYS B 315 11.64 -9.58 0.48
CA LYS B 315 12.17 -10.74 1.19
C LYS B 315 11.96 -10.55 2.70
N ASP B 316 12.11 -9.32 3.16
CA ASP B 316 11.98 -8.99 4.57
C ASP B 316 10.55 -8.77 5.01
N ARG B 317 9.61 -8.96 4.09
CA ARG B 317 8.22 -8.85 4.44
C ARG B 317 7.40 -9.95 3.81
N ARG B 318 7.43 -11.09 4.47
CA ARG B 318 6.71 -12.26 4.00
C ARG B 318 5.22 -11.97 3.87
N GLN B 319 4.67 -12.48 2.78
CA GLN B 319 3.27 -12.28 2.45
C GLN B 319 2.56 -13.60 2.52
N LEU B 320 1.34 -13.59 3.04
CA LEU B 320 0.52 -14.79 3.08
C LEU B 320 -0.08 -15.02 1.69
N THR B 321 -0.29 -16.29 1.34
CA THR B 321 -1.02 -16.62 0.11
C THR B 321 -2.49 -16.41 0.44
N ASP B 322 -3.33 -16.41 -0.58
CA ASP B 322 -4.77 -16.27 -0.35
C ASP B 322 -5.25 -17.41 0.54
N ALA B 323 -4.73 -18.60 0.30
CA ALA B 323 -5.11 -19.78 1.08
C ALA B 323 -4.72 -19.64 2.55
N GLN B 324 -3.50 -19.19 2.81
CA GLN B 324 -3.03 -18.98 4.18
C GLN B 324 -3.83 -17.87 4.86
N ALA B 325 -4.18 -16.85 4.09
CA ALA B 325 -4.95 -15.73 4.60
C ALA B 325 -6.34 -16.16 5.08
N ALA B 326 -6.89 -17.20 4.45
CA ALA B 326 -8.21 -17.69 4.82
C ALA B 326 -8.19 -18.32 6.21
N GLU B 327 -6.99 -18.65 6.69
CA GLU B 327 -6.82 -19.20 8.03
C GLU B 327 -6.91 -18.13 9.13
N TYR B 328 -6.91 -16.86 8.73
CA TYR B 328 -6.97 -15.78 9.71
C TYR B 328 -8.32 -15.06 9.82
N THR B 329 -9.40 -15.80 9.61
CA THR B 329 -10.75 -15.24 9.80
C THR B 329 -11.03 -15.14 11.30
N GLN B 330 -12.00 -14.31 11.68
CA GLN B 330 -12.38 -14.17 13.08
C GLN B 330 -12.82 -15.51 13.67
N SER B 331 -13.51 -16.29 12.85
CA SER B 331 -13.99 -17.61 13.25
C SER B 331 -12.83 -18.54 13.62
N LYS B 332 -11.81 -18.56 12.78
CA LYS B 332 -10.66 -19.41 13.05
C LYS B 332 -9.81 -18.92 14.22
N VAL B 333 -9.55 -17.62 14.29
CA VAL B 333 -8.72 -17.07 15.36
C VAL B 333 -9.37 -17.19 16.74
N LEU B 334 -10.68 -16.95 16.81
CA LEU B 334 -11.39 -16.98 18.09
C LEU B 334 -12.01 -18.32 18.44
N GLY B 335 -12.04 -19.25 17.48
CA GLY B 335 -12.54 -20.58 17.74
C GLY B 335 -13.99 -20.65 18.19
N ASP B 336 -14.24 -21.33 19.30
CA ASP B 336 -15.61 -21.51 19.80
C ASP B 336 -16.24 -20.26 20.42
N TRP B 337 -15.49 -19.16 20.41
CA TRP B 337 -15.97 -17.90 21.00
C TRP B 337 -16.45 -16.89 19.96
N THR B 338 -17.70 -16.45 20.11
CA THR B 338 -18.26 -15.41 19.28
C THR B 338 -18.51 -14.20 20.17
N PRO B 339 -17.63 -13.19 20.10
CA PRO B 339 -17.78 -11.98 20.92
C PRO B 339 -19.12 -11.27 20.71
N THR B 340 -19.85 -11.04 21.78
CA THR B 340 -21.13 -10.33 21.71
C THR B 340 -21.27 -9.41 22.92
N LEU B 341 -21.99 -8.31 22.73
CA LEU B 341 -22.23 -7.34 23.79
C LEU B 341 -23.51 -7.69 24.54
N PRO B 342 -23.60 -7.31 25.82
CA PRO B 342 -24.79 -7.60 26.63
C PRO B 342 -26.04 -6.93 26.05
#